data_3TY3
#
_entry.id   3TY3
#
_cell.length_a   53.243
_cell.length_b   92.854
_cell.length_c   75.474
_cell.angle_alpha   90.000
_cell.angle_beta   106.710
_cell.angle_gamma   90.000
#
_symmetry.space_group_name_H-M   'P 1 21 1'
#
loop_
_entity.id
_entity.type
_entity.pdbx_description
1 polymer 'Probable homoisocitrate dehydrogenase'
2 non-polymer glycylglycylglycine
3 non-polymer GLYCEROL
4 water water
#
_entity_poly.entity_id   1
_entity_poly.type   'polypeptide(L)'
_entity_poly.pdbx_seq_one_letter_code
;GSTSMSATRRIVLGLIPADGIGKEVVPAARRLMENLPAKHKLKFDFIDLDAGWGTFERTGKALPERTVERLKTECNAALF
GAVQSPTHKVAGYSSPIVALRKKMGLYANVRPVKSLDGAKGKPVDLVIVRENTECLYVKEERMVQNTPGKRVAEAIRRIS
EEASTKIGKMAFEIAKSRQKIRESGTYSIHKKPLVTIIHKSNVMSVTDGLFRESCRHAQSLDPSYASINVDEQIVDSMVY
RLFREPECFDVVVAPNLYGDILSDGAASLIGSLGLVPSANVGDNFVMSEPVHGSAPDIAGRGIANPVATFRSVALMLEFM
GHQDAAADIYTAVDKVLTEGKVLTPDLGGKSGTNEITDAVLANIHN
;
_entity_poly.pdbx_strand_id   A,B
#
loop_
_chem_comp.id
_chem_comp.type
_chem_comp.name
_chem_comp.formula
GGG non-polymer glycylglycylglycine 'C6 H11 N3 O4'
GOL non-polymer GLYCEROL 'C3 H8 O3'
#
# COMPACT_ATOMS: atom_id res chain seq x y z
N ARG A 9 25.19 -33.41 -2.43
CA ARG A 9 25.52 -32.14 -3.13
C ARG A 9 25.96 -31.07 -2.13
N ARG A 10 26.95 -30.26 -2.51
CA ARG A 10 27.55 -29.27 -1.61
C ARG A 10 27.07 -27.86 -1.94
N ILE A 11 26.70 -27.09 -0.92
CA ILE A 11 26.40 -25.63 -1.09
C ILE A 11 27.41 -24.87 -0.24
N VAL A 12 28.17 -23.95 -0.86
CA VAL A 12 29.05 -23.03 -0.11
C VAL A 12 28.24 -21.75 0.16
N LEU A 13 27.91 -21.50 1.44
CA LEU A 13 26.99 -20.41 1.78
C LEU A 13 27.71 -19.30 2.53
N GLY A 14 27.62 -18.07 2.03
CA GLY A 14 28.15 -16.94 2.77
C GLY A 14 27.20 -16.58 3.92
N LEU A 15 27.75 -16.39 5.11
CA LEU A 15 26.93 -15.95 6.27
C LEU A 15 27.25 -14.52 6.62
N ILE A 16 26.23 -13.65 6.58
CA ILE A 16 26.44 -12.19 6.73
C ILE A 16 25.45 -11.75 7.80
N PRO A 17 25.75 -12.04 9.07
CA PRO A 17 24.80 -11.72 10.16
C PRO A 17 24.54 -10.20 10.28
N ALA A 18 25.59 -9.43 10.05
CA ALA A 18 25.55 -7.98 10.22
C ALA A 18 25.22 -7.60 11.69
N ASP A 19 24.11 -6.90 11.93
CA ASP A 19 23.87 -6.24 13.22
C ASP A 19 22.73 -6.81 14.07
N GLY A 20 22.79 -6.49 15.37
CA GLY A 20 21.72 -6.79 16.31
C GLY A 20 21.32 -8.25 16.28
N ILE A 21 20.03 -8.52 16.12
CA ILE A 21 19.53 -9.92 16.12
C ILE A 21 19.97 -10.72 14.88
N GLY A 22 20.52 -10.06 13.86
CA GLY A 22 21.23 -10.77 12.77
C GLY A 22 22.24 -11.78 13.32
N LYS A 23 22.95 -11.35 14.37
CA LYS A 23 24.00 -12.13 14.99
C LYS A 23 23.46 -13.33 15.78
N GLU A 24 22.15 -13.37 16.01
CA GLU A 24 21.52 -14.49 16.74
C GLU A 24 20.75 -15.40 15.77
N VAL A 25 20.07 -14.81 14.80
CA VAL A 25 19.23 -15.62 13.89
C VAL A 25 20.02 -16.36 12.81
N VAL A 26 21.15 -15.79 12.39
CA VAL A 26 21.98 -16.45 11.38
C VAL A 26 22.71 -17.67 12.00
N PRO A 27 23.23 -17.57 13.26
CA PRO A 27 23.75 -18.81 13.84
C PRO A 27 22.67 -19.90 14.03
N ALA A 28 21.45 -19.48 14.37
CA ALA A 28 20.31 -20.41 14.50
C ALA A 28 20.10 -21.16 13.17
N ALA A 29 20.08 -20.40 12.09
CA ALA A 29 19.89 -20.95 10.72
C ALA A 29 21.05 -21.87 10.32
N ARG A 30 22.28 -21.49 10.64
CA ARG A 30 23.42 -22.39 10.41
C ARG A 30 23.20 -23.74 11.12
N ARG A 31 22.75 -23.69 12.37
CA ARG A 31 22.47 -24.94 13.11
C ARG A 31 21.38 -25.78 12.42
N LEU A 32 20.33 -25.11 11.94
CA LEU A 32 19.29 -25.81 11.16
C LEU A 32 19.89 -26.48 9.91
N MET A 33 20.71 -25.73 9.18
CA MET A 33 21.30 -26.24 7.94
C MET A 33 22.23 -27.40 8.16
N GLU A 34 23.07 -27.31 9.20
CA GLU A 34 23.99 -28.38 9.57
C GLU A 34 23.29 -29.66 9.97
N ASN A 35 22.02 -29.53 10.37
CA ASN A 35 21.30 -30.66 10.93
C ASN A 35 20.10 -31.14 10.14
N LEU A 36 20.07 -30.80 8.85
CA LEU A 36 19.02 -31.34 7.98
C LEU A 36 19.12 -32.86 7.85
N PRO A 37 17.98 -33.55 7.68
CA PRO A 37 17.98 -35.00 7.58
C PRO A 37 18.88 -35.51 6.47
N ALA A 38 19.47 -36.69 6.68
CA ALA A 38 20.34 -37.34 5.69
C ALA A 38 19.68 -37.51 4.32
N LYS A 39 18.39 -37.80 4.31
CA LYS A 39 17.58 -37.97 3.06
C LYS A 39 17.71 -36.81 2.08
N HIS A 40 17.96 -35.61 2.58
CA HIS A 40 18.10 -34.46 1.70
C HIS A 40 19.39 -34.47 0.85
N LYS A 41 20.40 -35.25 1.27
CA LYS A 41 21.69 -35.33 0.57
C LYS A 41 22.30 -33.94 0.30
N LEU A 42 22.29 -33.11 1.32
CA LEU A 42 22.76 -31.75 1.19
C LEU A 42 23.73 -31.44 2.31
N LYS A 43 25.00 -31.14 1.95
CA LYS A 43 25.96 -30.57 2.92
C LYS A 43 26.34 -29.12 2.61
N PHE A 44 26.61 -28.39 3.67
CA PHE A 44 26.92 -26.97 3.57
C PHE A 44 28.32 -26.74 4.07
N ASP A 45 29.09 -25.90 3.38
CA ASP A 45 30.28 -25.28 3.95
C ASP A 45 29.93 -23.81 4.10
N PHE A 46 30.35 -23.20 5.19
CA PHE A 46 29.98 -21.84 5.48
C PHE A 46 31.21 -20.96 5.51
N ILE A 47 31.03 -19.74 5.03
CA ILE A 47 32.07 -18.70 5.11
CA ILE A 47 32.08 -18.73 5.20
C ILE A 47 31.49 -17.49 5.87
N ASP A 48 32.20 -17.04 6.91
CA ASP A 48 31.73 -15.88 7.71
C ASP A 48 32.21 -14.57 7.11
N LEU A 49 31.28 -13.64 6.90
CA LEU A 49 31.55 -12.42 6.19
C LEU A 49 31.09 -11.20 6.99
N ASP A 50 31.83 -10.12 6.84
CA ASP A 50 31.64 -8.91 7.64
C ASP A 50 30.90 -7.88 6.80
N ALA A 51 29.80 -7.32 7.33
CA ALA A 51 29.08 -6.18 6.70
C ALA A 51 28.14 -5.57 7.73
N GLY A 52 27.77 -4.30 7.51
CA GLY A 52 26.69 -3.70 8.29
C GLY A 52 27.13 -2.43 9.01
N TRP A 53 26.32 -2.03 9.99
CA TRP A 53 26.59 -0.76 10.70
C TRP A 53 27.82 -0.89 11.60
N GLY A 54 27.96 -2.05 12.23
CA GLY A 54 29.08 -2.35 13.11
C GLY A 54 30.36 -2.32 12.28
N THR A 55 30.31 -2.91 11.09
CA THR A 55 31.48 -2.89 10.16
C THR A 55 31.85 -1.45 9.82
N PHE A 56 30.83 -0.65 9.50
CA PHE A 56 31.03 0.79 9.27
C PHE A 56 31.69 1.49 10.45
N GLU A 57 31.15 1.28 11.66
CA GLU A 57 31.79 1.90 12.86
C GLU A 57 33.26 1.51 13.05
N ARG A 58 33.60 0.25 12.77
CA ARG A 58 34.96 -0.22 13.02
C ARG A 58 35.93 0.21 11.92
N THR A 59 35.43 0.27 10.69
CA THR A 59 36.33 0.36 9.52
C THR A 59 36.07 1.56 8.61
N GLY A 60 34.92 2.21 8.78
CA GLY A 60 34.53 3.31 7.87
C GLY A 60 33.85 2.94 6.56
N LYS A 61 33.61 1.65 6.35
CA LYS A 61 32.95 1.12 5.17
C LYS A 61 31.95 0.05 5.63
N ALA A 62 30.68 0.21 5.24
CA ALA A 62 29.64 -0.72 5.64
C ALA A 62 29.77 -2.06 4.92
N LEU A 63 30.30 -2.00 3.69
CA LEU A 63 30.48 -3.22 2.90
C LEU A 63 31.91 -3.39 2.39
N PRO A 64 32.76 -4.16 3.12
CA PRO A 64 34.15 -4.31 2.66
C PRO A 64 34.20 -4.96 1.27
N GLU A 65 35.10 -4.48 0.41
CA GLU A 65 35.23 -5.07 -0.92
C GLU A 65 35.57 -6.58 -0.81
N ARG A 66 36.33 -6.93 0.21
CA ARG A 66 36.71 -8.34 0.37
C ARG A 66 35.47 -9.23 0.58
N THR A 67 34.47 -8.71 1.28
CA THR A 67 33.21 -9.46 1.46
C THR A 67 32.55 -9.79 0.10
N VAL A 68 32.45 -8.78 -0.79
CA VAL A 68 31.94 -9.01 -2.15
C VAL A 68 32.81 -9.98 -2.94
N GLU A 69 34.12 -9.82 -2.85
CA GLU A 69 35.03 -10.76 -3.58
C GLU A 69 34.82 -12.23 -3.16
N ARG A 70 34.72 -12.46 -1.85
CA ARG A 70 34.56 -13.84 -1.39
C ARG A 70 33.21 -14.39 -1.85
N LEU A 71 32.17 -13.56 -1.82
CA LEU A 71 30.86 -14.02 -2.30
C LEU A 71 30.93 -14.47 -3.75
N LYS A 72 31.54 -13.64 -4.58
CA LYS A 72 31.60 -13.94 -6.03
C LYS A 72 32.51 -15.13 -6.36
N THR A 73 33.59 -15.29 -5.60
CA THR A 73 34.61 -16.30 -5.96
C THR A 73 34.42 -17.63 -5.25
N GLU A 74 33.73 -17.65 -4.10
CA GLU A 74 33.72 -18.85 -3.24
C GLU A 74 32.31 -19.43 -3.02
N CYS A 75 31.31 -18.56 -3.07
CA CYS A 75 29.96 -18.91 -2.60
C CYS A 75 28.97 -19.24 -3.71
N ASN A 76 28.07 -20.17 -3.42
CA ASN A 76 26.93 -20.50 -4.28
C ASN A 76 25.70 -19.64 -3.93
N ALA A 77 25.62 -19.17 -2.68
CA ALA A 77 24.48 -18.43 -2.16
C ALA A 77 24.93 -17.74 -0.86
N ALA A 78 24.07 -16.94 -0.28
CA ALA A 78 24.35 -16.29 1.01
C ALA A 78 23.11 -16.12 1.82
N LEU A 79 23.31 -15.89 3.12
CA LEU A 79 22.25 -15.56 4.04
C LEU A 79 22.66 -14.29 4.71
N PHE A 80 21.78 -13.29 4.63
CA PHE A 80 22.03 -11.98 5.21
C PHE A 80 21.09 -11.80 6.41
N GLY A 81 21.63 -11.21 7.49
CA GLY A 81 20.89 -11.02 8.72
C GLY A 81 20.08 -9.73 8.64
N ALA A 82 20.59 -8.68 9.28
CA ALA A 82 19.88 -7.39 9.27
C ALA A 82 20.87 -6.28 9.54
N VAL A 83 20.70 -5.17 8.81
CA VAL A 83 21.57 -4.02 9.02
C VAL A 83 20.84 -2.97 9.86
N GLN A 84 21.55 -2.41 10.84
CA GLN A 84 21.05 -1.33 11.66
C GLN A 84 21.22 -0.01 10.89
N SER A 85 20.29 0.23 9.97
CA SER A 85 20.32 1.41 9.11
C SER A 85 20.11 2.68 9.88
N PRO A 86 20.93 3.71 9.63
CA PRO A 86 20.75 5.01 10.28
C PRO A 86 19.44 5.70 9.83
N THR A 87 19.03 6.78 10.47
CA THR A 87 17.77 7.43 10.06
C THR A 87 18.01 8.81 9.48
N HIS A 88 19.27 9.08 9.22
CA HIS A 88 19.66 10.17 8.37
C HIS A 88 20.92 9.77 7.63
N LYS A 89 21.24 10.53 6.58
CA LYS A 89 22.53 10.44 5.88
C LYS A 89 23.69 10.53 6.87
N VAL A 90 24.65 9.61 6.73
CA VAL A 90 25.91 9.64 7.47
C VAL A 90 27.05 9.63 6.44
N ALA A 91 27.97 10.57 6.53
CA ALA A 91 29.09 10.66 5.58
C ALA A 91 29.91 9.35 5.55
N GLY A 92 30.10 8.81 4.37
CA GLY A 92 30.93 7.58 4.23
C GLY A 92 30.11 6.30 4.35
N TYR A 93 28.84 6.43 4.73
CA TYR A 93 27.98 5.27 4.87
C TYR A 93 27.03 5.14 3.70
N SER A 94 26.93 3.92 3.17
CA SER A 94 25.84 3.60 2.27
C SER A 94 25.42 2.16 2.53
N SER A 95 24.13 1.92 2.35
CA SER A 95 23.49 0.67 2.70
C SER A 95 24.21 -0.52 2.06
N PRO A 96 24.76 -1.42 2.91
CA PRO A 96 25.43 -2.62 2.39
C PRO A 96 24.47 -3.61 1.76
N ILE A 97 23.21 -3.61 2.19
CA ILE A 97 22.24 -4.50 1.57
C ILE A 97 21.84 -4.09 0.12
N VAL A 98 21.58 -2.81 -0.09
CA VAL A 98 21.30 -2.28 -1.41
C VAL A 98 22.55 -2.54 -2.27
N ALA A 99 23.72 -2.29 -1.69
CA ALA A 99 24.98 -2.51 -2.42
C ALA A 99 25.22 -3.98 -2.81
N LEU A 100 25.00 -4.90 -1.86
CA LEU A 100 25.18 -6.33 -2.15
C LEU A 100 24.20 -6.80 -3.20
N ARG A 101 22.95 -6.32 -3.13
CA ARG A 101 22.00 -6.72 -4.20
C ARG A 101 22.47 -6.25 -5.59
N LYS A 102 22.93 -5.01 -5.71
CA LYS A 102 23.43 -4.51 -7.01
C LYS A 102 24.67 -5.28 -7.45
N LYS A 103 25.64 -5.40 -6.53
CA LYS A 103 26.92 -6.01 -6.90
C LYS A 103 26.80 -7.49 -7.30
N MET A 104 25.86 -8.19 -6.67
CA MET A 104 25.64 -9.63 -6.93
C MET A 104 24.60 -9.90 -8.00
N GLY A 105 24.03 -8.83 -8.57
CA GLY A 105 23.12 -9.00 -9.72
C GLY A 105 21.76 -9.48 -9.27
N LEU A 106 21.37 -9.15 -8.04
CA LEU A 106 20.12 -9.68 -7.48
C LEU A 106 18.93 -8.76 -7.82
N TYR A 107 18.40 -8.89 -9.02
CA TYR A 107 17.41 -7.95 -9.55
C TYR A 107 15.98 -8.18 -9.04
N ALA A 108 15.71 -9.38 -8.52
CA ALA A 108 14.37 -9.76 -8.07
C ALA A 108 14.30 -9.86 -6.58
N ASN A 109 13.41 -9.08 -5.97
CA ASN A 109 13.13 -9.27 -4.53
C ASN A 109 11.84 -10.09 -4.40
N VAL A 110 11.96 -11.25 -3.77
CA VAL A 110 10.87 -12.24 -3.74
C VAL A 110 10.35 -12.33 -2.33
N ARG A 111 9.07 -11.99 -2.15
CA ARG A 111 8.43 -12.03 -0.81
C ARG A 111 7.17 -12.89 -0.76
N PRO A 112 7.31 -14.15 -0.33
CA PRO A 112 6.17 -15.08 -0.19
C PRO A 112 5.43 -14.75 1.08
N VAL A 113 4.11 -14.73 1.01
N VAL A 113 4.12 -14.81 0.99
CA VAL A 113 3.34 -14.63 2.23
CA VAL A 113 3.25 -14.59 2.13
C VAL A 113 2.29 -15.72 2.22
C VAL A 113 2.28 -15.76 2.18
N LYS A 114 2.42 -16.57 3.22
CA LYS A 114 1.61 -17.76 3.33
C LYS A 114 1.11 -17.95 4.75
N SER A 115 -0.20 -18.05 4.90
CA SER A 115 -0.82 -18.24 6.21
C SER A 115 -0.64 -19.66 6.72
N LEU A 116 -0.73 -19.83 8.04
CA LEU A 116 -0.68 -21.16 8.62
C LEU A 116 -2.01 -21.89 8.40
N ASP A 117 -1.94 -23.21 8.20
CA ASP A 117 -3.15 -24.04 8.12
CA ASP A 117 -3.16 -23.99 8.10
C ASP A 117 -3.92 -23.86 9.42
N GLY A 118 -5.21 -23.51 9.30
CA GLY A 118 -6.06 -23.26 10.49
C GLY A 118 -5.98 -21.84 11.06
N ALA A 119 -5.28 -20.94 10.38
CA ALA A 119 -5.22 -19.53 10.78
C ALA A 119 -6.57 -18.83 10.69
N LYS A 120 -6.78 -17.82 11.54
CA LYS A 120 -8.03 -17.05 11.49
C LYS A 120 -8.10 -16.15 10.23
N GLY A 121 -9.31 -15.84 9.76
CA GLY A 121 -9.48 -14.92 8.61
C GLY A 121 -9.11 -15.53 7.27
N LYS A 122 -8.98 -14.67 6.24
CA LYS A 122 -8.73 -15.14 4.89
C LYS A 122 -7.35 -15.82 4.84
N PRO A 123 -7.30 -17.07 4.35
CA PRO A 123 -6.05 -17.75 4.06
C PRO A 123 -5.32 -16.99 2.98
N VAL A 124 -4.00 -17.14 2.93
CA VAL A 124 -3.21 -16.47 1.89
C VAL A 124 -2.06 -17.38 1.45
N ASP A 125 -1.77 -17.41 0.15
CA ASP A 125 -0.56 -18.09 -0.34
C ASP A 125 -0.17 -17.37 -1.63
N LEU A 126 0.58 -16.30 -1.50
CA LEU A 126 0.90 -15.48 -2.65
C LEU A 126 2.39 -15.22 -2.63
N VAL A 127 2.92 -14.74 -3.74
CA VAL A 127 4.33 -14.33 -3.77
C VAL A 127 4.45 -13.04 -4.52
N ILE A 128 4.99 -12.02 -3.87
CA ILE A 128 5.25 -10.76 -4.54
C ILE A 128 6.67 -10.78 -5.13
N VAL A 129 6.72 -10.52 -6.43
CA VAL A 129 7.95 -10.51 -7.20
C VAL A 129 8.18 -9.06 -7.58
N ARG A 130 9.14 -8.44 -6.92
CA ARG A 130 9.34 -7.00 -6.96
C ARG A 130 10.63 -6.73 -7.73
N GLU A 131 10.50 -5.99 -8.83
CA GLU A 131 11.66 -5.56 -9.60
C GLU A 131 12.49 -4.65 -8.69
N ASN A 132 13.78 -4.95 -8.52
CA ASN A 132 14.49 -4.26 -7.45
C ASN A 132 15.79 -3.55 -7.90
N THR A 133 15.75 -2.91 -9.07
CA THR A 133 16.94 -2.19 -9.62
C THR A 133 16.64 -0.75 -10.07
N GLU A 134 15.37 -0.46 -10.38
CA GLU A 134 15.10 0.85 -11.01
C GLU A 134 13.86 1.55 -10.44
N CYS A 135 13.05 2.16 -11.29
CA CYS A 135 11.92 2.96 -10.85
C CYS A 135 12.51 4.21 -10.12
N LEU A 136 11.88 4.67 -9.05
CA LEU A 136 12.42 5.84 -8.33
C LEU A 136 13.68 5.53 -7.55
N TYR A 137 14.04 4.25 -7.42
CA TYR A 137 15.18 3.85 -6.58
C TYR A 137 16.53 4.07 -7.29
N VAL A 138 16.47 4.62 -8.49
CA VAL A 138 17.68 5.14 -9.17
C VAL A 138 18.25 6.34 -8.40
N LYS A 139 17.40 6.93 -7.55
CA LYS A 139 17.81 8.01 -6.66
C LYS A 139 18.45 9.15 -7.45
N GLU A 140 17.74 9.63 -8.45
CA GLU A 140 18.21 10.75 -9.25
C GLU A 140 17.29 11.95 -9.03
N GLU A 141 17.68 12.80 -8.08
CA GLU A 141 16.86 13.93 -7.66
C GLU A 141 17.62 15.27 -7.75
N ARG A 142 16.87 16.36 -7.87
CA ARG A 142 17.40 17.72 -8.01
CA ARG A 142 17.44 17.70 -7.91
C ARG A 142 16.48 18.73 -7.30
N MET A 143 17.06 19.69 -6.57
CA MET A 143 16.28 20.84 -6.10
C MET A 143 16.36 21.85 -7.24
N VAL A 144 15.32 21.86 -8.09
CA VAL A 144 15.29 22.65 -9.33
C VAL A 144 15.07 24.16 -9.11
N GLN A 145 14.39 24.52 -8.02
CA GLN A 145 14.26 25.90 -7.56
C GLN A 145 14.56 25.94 -6.07
N ASN A 146 15.34 26.94 -5.66
CA ASN A 146 15.74 27.07 -4.25
C ASN A 146 15.21 28.33 -3.57
N THR A 147 14.27 29.02 -4.21
CA THR A 147 13.61 30.18 -3.60
C THR A 147 13.16 29.82 -2.18
N PRO A 148 13.59 30.60 -1.17
CA PRO A 148 13.11 30.41 0.20
C PRO A 148 11.58 30.38 0.26
N GLY A 149 11.02 29.33 0.84
CA GLY A 149 9.57 29.19 0.96
C GLY A 149 8.89 28.65 -0.28
N LYS A 150 9.63 28.51 -1.37
CA LYS A 150 9.04 28.13 -2.64
C LYS A 150 9.94 27.14 -3.39
N ARG A 151 10.63 26.28 -2.64
CA ARG A 151 11.47 25.27 -3.27
C ARG A 151 10.67 24.29 -4.14
N VAL A 152 11.34 23.66 -5.11
CA VAL A 152 10.72 22.67 -5.99
C VAL A 152 11.78 21.60 -6.18
N ALA A 153 11.44 20.33 -5.85
CA ALA A 153 12.33 19.20 -6.02
C ALA A 153 11.75 18.27 -7.06
N GLU A 154 12.61 17.60 -7.83
CA GLU A 154 12.16 16.61 -8.82
C GLU A 154 12.98 15.33 -8.71
N ALA A 155 12.32 14.18 -8.86
CA ALA A 155 12.99 12.91 -8.95
C ALA A 155 12.63 12.22 -10.25
N ILE A 156 13.57 11.43 -10.77
CA ILE A 156 13.35 10.59 -11.94
C ILE A 156 12.89 9.17 -11.59
N ARG A 157 11.78 8.75 -12.19
CA ARG A 157 11.31 7.35 -12.14
C ARG A 157 11.68 6.72 -13.49
N ARG A 158 12.54 5.72 -13.49
CA ARG A 158 13.00 5.11 -14.74
C ARG A 158 12.52 3.65 -14.84
N ILE A 159 11.91 3.32 -15.97
CA ILE A 159 11.44 1.96 -16.19
C ILE A 159 12.06 1.53 -17.52
N SER A 160 12.76 0.39 -17.51
CA SER A 160 13.36 -0.11 -18.74
C SER A 160 12.73 -1.41 -19.23
N GLU A 161 12.70 -1.57 -20.55
CA GLU A 161 12.17 -2.80 -21.15
C GLU A 161 12.98 -4.01 -20.69
N GLU A 162 14.30 -3.89 -20.65
CA GLU A 162 15.13 -5.03 -20.24
C GLU A 162 14.83 -5.47 -18.81
N ALA A 163 14.79 -4.53 -17.86
CA ALA A 163 14.63 -4.92 -16.46
C ALA A 163 13.23 -5.44 -16.25
N SER A 164 12.26 -4.86 -16.94
CA SER A 164 10.85 -5.25 -16.74
C SER A 164 10.57 -6.62 -17.36
N THR A 165 11.15 -6.88 -18.54
CA THR A 165 11.07 -8.21 -19.12
C THR A 165 11.67 -9.27 -18.20
N LYS A 166 12.82 -8.96 -17.59
CA LYS A 166 13.52 -9.91 -16.70
C LYS A 166 12.66 -10.25 -15.51
N ILE A 167 12.02 -9.23 -14.93
CA ILE A 167 11.22 -9.50 -13.72
C ILE A 167 9.94 -10.26 -14.09
N GLY A 168 9.39 -9.96 -15.27
CA GLY A 168 8.20 -10.67 -15.77
C GLY A 168 8.56 -12.14 -15.98
N LYS A 169 9.71 -12.40 -16.59
CA LYS A 169 10.15 -13.79 -16.79
C LYS A 169 10.27 -14.52 -15.46
N MET A 170 10.90 -13.87 -14.47
CA MET A 170 11.08 -14.48 -13.13
C MET A 170 9.71 -14.84 -12.52
N ALA A 171 8.71 -13.94 -12.66
CA ALA A 171 7.34 -14.22 -12.18
C ALA A 171 6.73 -15.47 -12.81
N PHE A 172 6.87 -15.61 -14.12
CA PHE A 172 6.31 -16.78 -14.79
C PHE A 172 7.06 -18.05 -14.31
N GLU A 173 8.39 -17.94 -14.12
CA GLU A 173 9.16 -19.09 -13.62
C GLU A 173 8.66 -19.53 -12.25
N ILE A 174 8.36 -18.54 -11.41
CA ILE A 174 7.89 -18.81 -10.05
C ILE A 174 6.48 -19.41 -10.09
N ALA A 175 5.61 -18.84 -10.93
CA ALA A 175 4.29 -19.41 -11.15
C ALA A 175 4.34 -20.87 -11.64
N LYS A 176 5.23 -21.14 -12.59
CA LYS A 176 5.39 -22.47 -13.13
C LYS A 176 5.85 -23.42 -12.02
N SER A 177 6.82 -22.99 -11.22
CA SER A 177 7.35 -23.84 -10.12
C SER A 177 6.26 -24.17 -9.07
N ARG A 178 5.48 -23.15 -8.71
CA ARG A 178 4.35 -23.36 -7.78
C ARG A 178 3.31 -24.30 -8.35
N GLN A 179 3.05 -24.22 -9.65
CA GLN A 179 2.07 -25.09 -10.28
C GLN A 179 2.56 -26.56 -10.32
N LYS A 180 3.86 -26.75 -10.54
CA LYS A 180 4.44 -28.10 -10.52
C LYS A 180 4.26 -28.73 -9.11
N ILE A 181 4.45 -27.92 -8.08
CA ILE A 181 4.29 -28.39 -6.69
C ILE A 181 2.84 -28.84 -6.44
N ARG A 182 1.88 -28.02 -6.90
CA ARG A 182 0.45 -28.37 -6.89
C ARG A 182 0.18 -29.68 -7.58
N GLU A 183 0.72 -29.80 -8.79
CA GLU A 183 0.50 -31.00 -9.62
C GLU A 183 1.15 -32.25 -9.04
N SER A 184 2.25 -32.08 -8.28
CA SER A 184 2.90 -33.19 -7.59
C SER A 184 2.05 -33.72 -6.41
N GLY A 185 0.99 -33.00 -6.07
CA GLY A 185 0.08 -33.48 -5.05
C GLY A 185 0.02 -32.71 -3.74
N THR A 186 0.79 -31.63 -3.62
CA THR A 186 0.72 -30.78 -2.42
C THR A 186 -0.45 -29.81 -2.49
N TYR A 187 -1.36 -29.87 -1.49
CA TYR A 187 -2.55 -29.01 -1.43
C TYR A 187 -2.23 -27.52 -1.54
N SER A 188 -3.07 -26.82 -2.32
CA SER A 188 -2.98 -25.37 -2.51
C SER A 188 -4.36 -24.78 -2.61
N ILE A 189 -4.53 -23.59 -2.06
CA ILE A 189 -5.76 -22.82 -2.21
C ILE A 189 -6.05 -22.39 -3.66
N HIS A 190 -5.04 -22.50 -4.54
CA HIS A 190 -5.20 -22.13 -5.95
C HIS A 190 -5.38 -23.35 -6.82
N LYS A 191 -6.37 -23.29 -7.70
CA LYS A 191 -6.66 -24.36 -8.63
C LYS A 191 -6.04 -24.08 -9.99
N LYS A 192 -5.65 -22.83 -10.21
CA LYS A 192 -5.05 -22.39 -11.48
C LYS A 192 -3.90 -21.42 -11.20
N PRO A 193 -2.82 -21.49 -11.99
CA PRO A 193 -1.72 -20.53 -11.71
C PRO A 193 -2.04 -19.16 -12.31
N LEU A 194 -1.59 -18.10 -11.64
CA LEU A 194 -1.86 -16.77 -12.15
C LEU A 194 -0.73 -15.82 -11.86
N VAL A 195 -0.42 -14.99 -12.85
CA VAL A 195 0.52 -13.88 -12.67
C VAL A 195 -0.34 -12.62 -12.80
N THR A 196 -0.33 -11.81 -11.74
CA THR A 196 -1.03 -10.54 -11.73
C THR A 196 0.02 -9.45 -11.86
N ILE A 197 -0.11 -8.64 -12.91
CA ILE A 197 0.81 -7.52 -13.18
C ILE A 197 0.25 -6.23 -12.56
N ILE A 198 1.04 -5.61 -11.68
CA ILE A 198 0.63 -4.42 -10.94
C ILE A 198 1.09 -3.16 -11.66
N HIS A 199 0.18 -2.19 -11.79
CA HIS A 199 0.52 -0.97 -12.55
C HIS A 199 -0.37 0.19 -12.14
N LYS A 200 -0.05 1.37 -12.64
CA LYS A 200 -0.95 2.52 -12.54
C LYS A 200 -0.89 3.28 -13.87
N SER A 201 -1.24 2.57 -14.95
CA SER A 201 -1.16 3.05 -16.35
C SER A 201 -2.07 4.24 -16.67
N ASN A 202 -3.10 4.44 -15.87
CA ASN A 202 -3.99 5.58 -16.07
C ASN A 202 -3.36 6.92 -15.68
N VAL A 203 -2.32 6.86 -14.86
CA VAL A 203 -1.54 8.03 -14.48
C VAL A 203 -0.19 7.96 -15.20
N MET A 204 0.50 6.82 -15.07
CA MET A 204 1.82 6.62 -15.68
C MET A 204 1.70 5.88 -17.00
N SER A 205 1.10 6.51 -18.01
CA SER A 205 0.85 5.77 -19.26
C SER A 205 2.09 5.28 -19.99
N VAL A 206 3.18 6.04 -19.93
CA VAL A 206 4.41 5.67 -20.65
C VAL A 206 5.25 4.66 -19.87
N THR A 207 5.63 5.02 -18.63
CA THR A 207 6.46 4.14 -17.77
C THR A 207 5.75 2.84 -17.37
N ASP A 208 4.52 2.96 -16.85
CA ASP A 208 3.81 1.75 -16.50
C ASP A 208 3.31 1.02 -17.73
N GLY A 209 3.03 1.75 -18.81
CA GLY A 209 2.70 1.06 -20.07
C GLY A 209 3.84 0.12 -20.47
N LEU A 210 5.07 0.63 -20.43
CA LEU A 210 6.24 -0.19 -20.74
C LEU A 210 6.35 -1.36 -19.79
N PHE A 211 6.18 -1.11 -18.49
CA PHE A 211 6.29 -2.18 -17.51
C PHE A 211 5.27 -3.28 -17.87
N ARG A 212 4.02 -2.88 -18.12
CA ARG A 212 2.96 -3.84 -18.48
C ARG A 212 3.24 -4.66 -19.74
N GLU A 213 3.51 -3.94 -20.83
CA GLU A 213 3.87 -4.56 -22.11
C GLU A 213 5.03 -5.55 -21.94
N SER A 214 6.08 -5.16 -21.19
CA SER A 214 7.25 -6.03 -21.00
C SER A 214 6.93 -7.32 -20.21
N CYS A 215 6.15 -7.19 -19.14
CA CYS A 215 5.73 -8.36 -18.40
C CYS A 215 4.82 -9.27 -19.25
N ARG A 216 3.92 -8.69 -20.03
CA ARG A 216 3.08 -9.52 -20.92
C ARG A 216 3.92 -10.27 -21.95
N HIS A 217 4.86 -9.55 -22.57
CA HIS A 217 5.78 -10.14 -23.54
C HIS A 217 6.65 -11.24 -22.97
N ALA A 218 7.03 -11.13 -21.69
CA ALA A 218 7.81 -12.19 -21.02
C ALA A 218 7.15 -13.56 -21.13
N GLN A 219 5.81 -13.61 -21.17
CA GLN A 219 5.13 -14.90 -21.32
C GLN A 219 5.52 -15.65 -22.60
N SER A 220 5.75 -14.91 -23.67
CA SER A 220 6.18 -15.48 -24.95
C SER A 220 7.58 -16.10 -25.00
N LEU A 221 8.39 -15.90 -23.95
CA LEU A 221 9.78 -16.31 -23.93
C LEU A 221 10.05 -17.80 -23.69
N ASP A 222 9.04 -18.55 -23.23
CA ASP A 222 9.17 -19.99 -23.02
C ASP A 222 7.78 -20.58 -23.23
N PRO A 223 7.67 -21.64 -24.07
CA PRO A 223 6.36 -22.27 -24.32
C PRO A 223 5.71 -22.80 -23.06
N SER A 224 6.50 -23.14 -22.05
CA SER A 224 5.93 -23.66 -20.79
C SER A 224 5.22 -22.58 -19.95
N TYR A 225 5.36 -21.31 -20.32
CA TYR A 225 4.60 -20.25 -19.62
C TYR A 225 3.20 -20.06 -20.19
N ALA A 226 2.90 -20.67 -21.35
CA ALA A 226 1.67 -20.36 -22.04
C ALA A 226 0.39 -20.73 -21.25
N SER A 227 0.49 -21.74 -20.40
CA SER A 227 -0.64 -22.24 -19.60
CA SER A 227 -0.66 -22.21 -19.63
C SER A 227 -0.93 -21.30 -18.41
N ILE A 228 0.07 -20.53 -18.00
CA ILE A 228 -0.12 -19.64 -16.83
C ILE A 228 -1.10 -18.52 -17.19
N ASN A 229 -2.09 -18.30 -16.32
CA ASN A 229 -3.05 -17.22 -16.56
C ASN A 229 -2.38 -15.90 -16.25
N VAL A 230 -2.76 -14.84 -16.96
CA VAL A 230 -2.22 -13.50 -16.68
C VAL A 230 -3.36 -12.54 -16.51
N ASP A 231 -3.29 -11.68 -15.50
CA ASP A 231 -4.13 -10.51 -15.47
C ASP A 231 -3.36 -9.28 -15.01
N GLU A 232 -4.07 -8.16 -14.96
CA GLU A 232 -3.48 -6.86 -14.57
C GLU A 232 -4.32 -6.24 -13.48
N GLN A 233 -3.66 -5.59 -12.53
CA GLN A 233 -4.38 -4.99 -11.42
C GLN A 233 -3.79 -3.60 -11.10
N ILE A 234 -4.65 -2.58 -11.00
CA ILE A 234 -4.19 -1.26 -10.59
C ILE A 234 -3.74 -1.29 -9.13
N VAL A 235 -2.63 -0.62 -8.82
CA VAL A 235 -1.98 -0.79 -7.47
C VAL A 235 -2.89 -0.53 -6.23
N ASP A 236 -3.67 0.55 -6.32
CA ASP A 236 -4.51 1.00 -5.22
CA ASP A 236 -4.50 1.00 -5.21
C ASP A 236 -5.62 0.01 -4.90
N SER A 237 -6.32 -0.48 -5.94
CA SER A 237 -7.32 -1.46 -5.62
C SER A 237 -6.64 -2.79 -5.27
N MET A 238 -5.37 -2.98 -5.67
CA MET A 238 -4.63 -4.16 -5.20
C MET A 238 -4.46 -4.16 -3.67
N VAL A 239 -4.20 -3.01 -3.04
CA VAL A 239 -4.10 -2.96 -1.58
C VAL A 239 -5.45 -3.25 -0.91
N TYR A 240 -6.51 -2.68 -1.49
CA TYR A 240 -7.87 -2.93 -1.10
C TYR A 240 -8.15 -4.44 -1.15
N ARG A 241 -7.86 -5.07 -2.28
CA ARG A 241 -8.15 -6.51 -2.45
C ARG A 241 -7.22 -7.36 -1.59
N LEU A 242 -6.01 -6.89 -1.35
CA LEU A 242 -5.04 -7.64 -0.54
C LEU A 242 -5.60 -7.87 0.88
N PHE A 243 -6.19 -6.83 1.44
CA PHE A 243 -6.70 -6.92 2.79
C PHE A 243 -8.01 -7.70 2.93
N ARG A 244 -8.83 -7.74 1.87
CA ARG A 244 -10.13 -8.34 1.93
C ARG A 244 -10.20 -9.73 1.33
N GLU A 245 -9.50 -9.93 0.22
CA GLU A 245 -9.53 -11.24 -0.45
C GLU A 245 -8.13 -11.63 -0.92
N PRO A 246 -7.19 -11.81 0.03
CA PRO A 246 -5.83 -12.11 -0.41
C PRO A 246 -5.68 -13.49 -1.05
N GLU A 247 -6.66 -14.36 -0.78
CA GLU A 247 -6.74 -15.69 -1.41
C GLU A 247 -6.84 -15.64 -2.94
N CYS A 248 -7.22 -14.50 -3.53
CA CYS A 248 -7.32 -14.36 -4.99
C CYS A 248 -5.97 -14.25 -5.75
N PHE A 249 -4.88 -14.10 -5.02
CA PHE A 249 -3.57 -13.81 -5.64
C PHE A 249 -2.64 -14.98 -5.55
N ASP A 250 -1.95 -15.26 -6.66
CA ASP A 250 -0.97 -16.34 -6.70
C ASP A 250 0.39 -15.67 -6.78
N VAL A 251 0.90 -15.43 -7.99
CA VAL A 251 2.12 -14.63 -8.20
C VAL A 251 1.73 -13.22 -8.62
N VAL A 252 2.35 -12.25 -7.98
CA VAL A 252 2.08 -10.84 -8.24
C VAL A 252 3.41 -10.20 -8.66
N VAL A 253 3.46 -9.56 -9.81
CA VAL A 253 4.74 -8.97 -10.24
C VAL A 253 4.54 -7.45 -10.33
N ALA A 254 5.52 -6.70 -9.80
CA ALA A 254 5.34 -5.25 -9.63
C ALA A 254 6.66 -4.53 -9.81
N PRO A 255 6.60 -3.26 -10.23
CA PRO A 255 7.83 -2.47 -10.27
C PRO A 255 8.25 -2.13 -8.85
N ASN A 256 9.42 -1.53 -8.73
CA ASN A 256 10.11 -1.43 -7.44
C ASN A 256 9.21 -0.82 -6.36
N LEU A 257 8.68 0.38 -6.58
CA LEU A 257 7.93 1.05 -5.48
C LEU A 257 6.60 0.36 -5.08
N TYR A 258 5.80 0.02 -6.07
CA TYR A 258 4.52 -0.67 -5.81
C TYR A 258 4.81 -2.00 -5.09
N GLY A 259 5.83 -2.72 -5.55
CA GLY A 259 6.23 -4.00 -4.95
C GLY A 259 6.67 -3.85 -3.48
N ASP A 260 7.48 -2.83 -3.22
CA ASP A 260 7.92 -2.50 -1.86
C ASP A 260 6.72 -2.23 -0.96
N ILE A 261 5.77 -1.42 -1.41
CA ILE A 261 4.63 -1.10 -0.57
C ILE A 261 3.71 -2.31 -0.41
N LEU A 262 3.45 -3.03 -1.50
CA LEU A 262 2.56 -4.21 -1.38
C LEU A 262 3.13 -5.33 -0.51
N SER A 263 4.45 -5.56 -0.57
CA SER A 263 5.07 -6.64 0.19
CA SER A 263 5.01 -6.66 0.18
C SER A 263 4.95 -6.36 1.66
N ASP A 264 5.14 -5.10 2.04
CA ASP A 264 5.03 -4.76 3.44
C ASP A 264 3.59 -4.81 3.93
N GLY A 265 2.65 -4.41 3.09
CA GLY A 265 1.23 -4.59 3.39
C GLY A 265 0.87 -6.05 3.57
N ALA A 266 1.36 -6.90 2.66
CA ALA A 266 1.02 -8.33 2.68
C ALA A 266 1.59 -9.02 3.93
N ALA A 267 2.79 -8.59 4.33
CA ALA A 267 3.41 -9.14 5.58
C ALA A 267 2.46 -9.03 6.77
N SER A 268 1.63 -7.98 6.81
CA SER A 268 0.70 -7.79 7.91
C SER A 268 -0.33 -8.91 8.04
N LEU A 269 -0.52 -9.67 6.96
CA LEU A 269 -1.56 -10.70 6.95
C LEU A 269 -1.18 -11.89 7.80
N ILE A 270 0.10 -12.01 8.13
CA ILE A 270 0.52 -13.25 8.80
C ILE A 270 1.04 -13.10 10.24
N GLY A 271 0.82 -11.93 10.85
CA GLY A 271 1.17 -11.76 12.27
C GLY A 271 2.56 -11.18 12.40
N SER A 272 3.37 -11.73 13.29
CA SER A 272 4.68 -11.15 13.60
C SER A 272 5.67 -11.07 12.41
N LEU A 273 6.37 -9.95 12.29
CA LEU A 273 7.44 -9.82 11.34
C LEU A 273 8.59 -10.84 11.53
N GLY A 274 8.64 -11.44 12.71
CA GLY A 274 9.68 -12.46 12.94
C GLY A 274 9.33 -13.76 12.24
N LEU A 275 8.20 -13.77 11.53
CA LEU A 275 7.75 -14.89 10.69
C LEU A 275 7.95 -14.72 9.16
N VAL A 276 8.35 -13.52 8.71
CA VAL A 276 8.23 -13.16 7.29
C VAL A 276 9.57 -13.30 6.53
N PRO A 277 9.62 -14.16 5.49
CA PRO A 277 10.84 -14.43 4.74
C PRO A 277 11.02 -13.57 3.48
N SER A 278 12.24 -13.52 2.96
CA SER A 278 12.50 -12.93 1.64
C SER A 278 13.76 -13.55 1.03
N ALA A 279 13.87 -13.44 -0.29
CA ALA A 279 15.13 -13.73 -0.96
C ALA A 279 15.35 -12.69 -2.06
N ASN A 280 16.60 -12.36 -2.28
CA ASN A 280 17.05 -11.50 -3.37
C ASN A 280 17.60 -12.45 -4.44
N VAL A 281 17.03 -12.47 -5.66
CA VAL A 281 17.38 -13.52 -6.60
C VAL A 281 17.98 -12.90 -7.87
N GLY A 282 19.07 -13.49 -8.35
CA GLY A 282 19.67 -13.11 -9.64
C GLY A 282 19.76 -14.33 -10.53
N ASP A 283 20.40 -14.16 -11.68
CA ASP A 283 20.56 -15.28 -12.60
C ASP A 283 21.57 -16.33 -12.10
N ASN A 284 22.55 -15.92 -11.29
CA ASN A 284 23.64 -16.83 -10.86
C ASN A 284 23.86 -16.88 -9.32
N PHE A 285 22.92 -16.33 -8.56
CA PHE A 285 23.13 -16.22 -7.10
C PHE A 285 21.80 -15.91 -6.44
N VAL A 286 21.68 -16.29 -5.19
CA VAL A 286 20.52 -15.96 -4.38
C VAL A 286 21.03 -15.64 -2.97
N MET A 287 20.42 -14.65 -2.37
CA MET A 287 20.72 -14.26 -1.00
C MET A 287 19.40 -14.22 -0.21
N SER A 288 19.29 -15.10 0.77
CA SER A 288 18.12 -15.08 1.68
C SER A 288 18.30 -13.99 2.71
N GLU A 289 17.17 -13.52 3.25
CA GLU A 289 17.18 -12.41 4.16
C GLU A 289 15.85 -12.33 4.88
N PRO A 290 15.84 -12.32 6.23
CA PRO A 290 14.51 -12.10 6.88
C PRO A 290 14.04 -10.66 6.70
N VAL A 291 12.72 -10.44 6.73
CA VAL A 291 12.17 -9.10 6.49
C VAL A 291 12.37 -8.16 7.65
N HIS A 292 12.38 -8.70 8.88
CA HIS A 292 12.60 -7.90 10.09
C HIS A 292 13.97 -7.20 10.12
N GLY A 293 14.06 -6.13 10.91
CA GLY A 293 15.32 -5.40 11.08
C GLY A 293 16.22 -5.95 12.17
N SER A 294 17.12 -5.11 12.68
CA SER A 294 18.15 -5.56 13.61
C SER A 294 17.67 -5.60 15.09
N ALA A 295 16.48 -5.08 15.33
CA ALA A 295 15.83 -5.10 16.66
C ALA A 295 16.76 -4.85 17.87
N PRO A 296 17.36 -3.64 17.93
CA PRO A 296 18.38 -3.41 18.98
C PRO A 296 17.81 -3.48 20.39
N ASP A 297 16.49 -3.31 20.51
CA ASP A 297 15.79 -3.35 21.79
C ASP A 297 15.85 -4.73 22.43
N ILE A 298 16.10 -5.75 21.62
CA ILE A 298 16.17 -7.13 22.13
C ILE A 298 17.45 -7.85 21.77
N ALA A 299 18.28 -7.24 20.93
CA ALA A 299 19.57 -7.81 20.54
C ALA A 299 20.39 -8.19 21.76
N GLY A 300 20.92 -9.42 21.76
CA GLY A 300 21.78 -9.90 22.84
C GLY A 300 21.07 -10.58 23.98
N ARG A 301 19.74 -10.64 23.91
CA ARG A 301 18.95 -11.21 25.01
C ARG A 301 18.48 -12.64 24.72
N GLY A 302 18.88 -13.18 23.58
CA GLY A 302 18.55 -14.56 23.21
C GLY A 302 17.07 -14.85 23.02
N ILE A 303 16.30 -13.85 22.57
CA ILE A 303 14.84 -13.96 22.39
C ILE A 303 14.33 -13.64 20.98
N ALA A 304 15.25 -13.39 20.03
CA ALA A 304 14.91 -13.19 18.63
C ALA A 304 14.22 -14.43 18.04
N ASN A 305 13.19 -14.18 17.25
CA ASN A 305 12.50 -15.22 16.47
C ASN A 305 13.29 -15.56 15.21
N PRO A 306 13.81 -16.80 15.11
CA PRO A 306 14.57 -17.17 13.92
C PRO A 306 13.68 -17.73 12.80
N VAL A 307 12.36 -17.77 13.00
CA VAL A 307 11.45 -18.35 11.96
C VAL A 307 11.56 -17.67 10.58
N ALA A 308 11.62 -16.33 10.52
CA ALA A 308 11.71 -15.63 9.25
C ALA A 308 13.01 -16.09 8.53
N THR A 309 14.08 -16.24 9.31
CA THR A 309 15.36 -16.66 8.78
C THR A 309 15.29 -18.10 8.27
N PHE A 310 14.66 -18.98 9.04
CA PHE A 310 14.49 -20.37 8.60
C PHE A 310 13.72 -20.47 7.29
N ARG A 311 12.62 -19.72 7.20
CA ARG A 311 11.82 -19.73 6.00
C ARG A 311 12.56 -19.10 4.84
N SER A 312 13.41 -18.11 5.15
CA SER A 312 14.24 -17.49 4.09
C SER A 312 15.29 -18.47 3.53
N VAL A 313 15.89 -19.26 4.42
CA VAL A 313 16.73 -20.39 4.01
C VAL A 313 15.96 -21.38 3.13
N ALA A 314 14.75 -21.74 3.54
CA ALA A 314 13.97 -22.68 2.77
C ALA A 314 13.68 -22.09 1.39
N LEU A 315 13.42 -20.79 1.32
CA LEU A 315 13.08 -20.13 0.04
C LEU A 315 14.30 -20.14 -0.89
N MET A 316 15.45 -19.83 -0.31
CA MET A 316 16.70 -19.96 -1.03
C MET A 316 16.89 -21.37 -1.60
N LEU A 317 16.62 -22.40 -0.80
CA LEU A 317 16.81 -23.78 -1.21
C LEU A 317 15.83 -24.10 -2.34
N GLU A 318 14.63 -23.53 -2.29
CA GLU A 318 13.69 -23.68 -3.42
C GLU A 318 14.30 -23.19 -4.75
N PHE A 319 14.93 -22.01 -4.72
CA PHE A 319 15.54 -21.39 -5.92
C PHE A 319 16.79 -22.16 -6.37
N MET A 320 17.43 -22.84 -5.41
CA MET A 320 18.60 -23.69 -5.73
C MET A 320 18.32 -25.10 -6.17
N GLY A 321 17.05 -25.49 -6.19
CA GLY A 321 16.64 -26.80 -6.68
C GLY A 321 16.58 -27.90 -5.63
N HIS A 322 16.47 -27.53 -4.35
CA HIS A 322 16.27 -28.51 -3.28
C HIS A 322 14.88 -28.34 -2.67
N GLN A 323 13.88 -28.70 -3.48
CA GLN A 323 12.46 -28.57 -3.16
CA GLN A 323 12.47 -28.53 -3.15
C GLN A 323 12.09 -29.38 -1.93
N ASP A 324 12.58 -30.63 -1.89
CA ASP A 324 12.35 -31.54 -0.77
C ASP A 324 12.81 -30.98 0.58
N ALA A 325 14.06 -30.50 0.63
CA ALA A 325 14.62 -29.88 1.84
C ALA A 325 13.80 -28.67 2.27
N ALA A 326 13.47 -27.80 1.31
CA ALA A 326 12.66 -26.60 1.61
C ALA A 326 11.33 -27.00 2.23
N ALA A 327 10.65 -27.97 1.63
CA ALA A 327 9.32 -28.39 2.07
C ALA A 327 9.36 -28.94 3.49
N ASP A 328 10.41 -29.71 3.79
CA ASP A 328 10.54 -30.24 5.14
C ASP A 328 10.81 -29.16 6.19
N ILE A 329 11.60 -28.13 5.83
CA ILE A 329 11.79 -26.97 6.70
CA ILE A 329 11.79 -27.00 6.72
C ILE A 329 10.44 -26.32 6.97
N TYR A 330 9.71 -26.01 5.90
CA TYR A 330 8.40 -25.33 6.06
C TYR A 330 7.45 -26.13 6.93
N THR A 331 7.43 -27.46 6.74
CA THR A 331 6.53 -28.32 7.52
C THR A 331 6.93 -28.33 9.03
N ALA A 332 8.23 -28.47 9.30
CA ALA A 332 8.75 -28.48 10.65
C ALA A 332 8.48 -27.13 11.36
N VAL A 333 8.74 -26.02 10.66
CA VAL A 333 8.42 -24.69 11.19
C VAL A 333 6.93 -24.56 11.53
N ASP A 334 6.06 -24.95 10.61
CA ASP A 334 4.63 -24.71 10.76
C ASP A 334 4.04 -25.51 11.92
N LYS A 335 4.59 -26.70 12.12
CA LYS A 335 4.18 -27.59 13.20
C LYS A 335 4.49 -26.95 14.56
N VAL A 336 5.69 -26.37 14.68
CA VAL A 336 6.04 -25.61 15.90
C VAL A 336 5.02 -24.48 16.15
N LEU A 337 4.74 -23.69 15.12
CA LEU A 337 3.84 -22.53 15.21
C LEU A 337 2.38 -22.90 15.56
N THR A 338 1.88 -23.93 14.88
CA THR A 338 0.51 -24.38 15.09
C THR A 338 0.34 -25.00 16.47
N GLU A 339 1.39 -25.63 16.99
CA GLU A 339 1.31 -26.29 18.28
C GLU A 339 1.29 -25.27 19.42
N GLY A 340 1.98 -24.14 19.20
CA GLY A 340 1.88 -22.98 20.08
C GLY A 340 2.48 -23.10 21.47
N LYS A 341 3.30 -24.13 21.68
CA LYS A 341 3.93 -24.35 22.97
C LYS A 341 5.25 -23.56 23.11
N VAL A 342 6.03 -23.51 22.04
CA VAL A 342 7.31 -22.81 22.11
C VAL A 342 7.22 -21.52 21.29
N LEU A 343 7.10 -20.40 21.99
CA LEU A 343 6.83 -19.13 21.33
C LEU A 343 7.67 -18.01 21.93
N THR A 344 8.30 -17.25 21.04
CA THR A 344 9.15 -16.14 21.44
C THR A 344 8.28 -14.97 21.82
N PRO A 345 8.87 -13.95 22.50
CA PRO A 345 8.04 -12.81 22.94
C PRO A 345 7.19 -12.17 21.83
N ASP A 346 7.73 -12.05 20.61
CA ASP A 346 6.98 -11.48 19.48
C ASP A 346 5.77 -12.33 19.08
N LEU A 347 5.74 -13.59 19.54
CA LEU A 347 4.58 -14.45 19.36
C LEU A 347 3.74 -14.55 20.64
N GLY A 348 4.08 -13.74 21.64
CA GLY A 348 3.33 -13.66 22.90
C GLY A 348 3.78 -14.67 23.93
N GLY A 349 4.93 -15.31 23.69
CA GLY A 349 5.45 -16.34 24.56
C GLY A 349 6.63 -15.85 25.38
N LYS A 350 7.36 -16.79 25.98
CA LYS A 350 8.49 -16.48 26.85
C LYS A 350 9.72 -17.30 26.48
N SER A 351 9.64 -18.02 25.36
CA SER A 351 10.69 -18.94 24.95
C SER A 351 11.80 -18.20 24.18
N GLY A 352 12.99 -18.77 24.19
CA GLY A 352 14.12 -18.18 23.46
C GLY A 352 14.38 -18.70 22.07
N THR A 353 15.33 -18.07 21.40
CA THR A 353 15.74 -18.43 20.04
C THR A 353 16.16 -19.90 19.95
N ASN A 354 16.99 -20.33 20.89
CA ASN A 354 17.51 -21.68 20.88
C ASN A 354 16.40 -22.71 21.16
N GLU A 355 15.42 -22.35 21.99
CA GLU A 355 14.30 -23.28 22.24
C GLU A 355 13.50 -23.51 20.96
N ILE A 356 13.33 -22.47 20.18
CA ILE A 356 12.53 -22.64 19.00
C ILE A 356 13.32 -23.35 17.89
N THR A 357 14.63 -23.12 17.85
CA THR A 357 15.51 -23.88 16.93
C THR A 357 15.46 -25.39 17.25
N ASP A 358 15.55 -25.72 18.53
CA ASP A 358 15.46 -27.12 18.98
C ASP A 358 14.13 -27.76 18.57
N ALA A 359 13.06 -26.99 18.72
CA ALA A 359 11.72 -27.46 18.39
C ALA A 359 11.58 -27.77 16.89
N VAL A 360 12.06 -26.86 16.02
CA VAL A 360 12.04 -27.09 14.57
C VAL A 360 12.86 -28.34 14.22
N LEU A 361 14.01 -28.46 14.87
CA LEU A 361 14.88 -29.62 14.62
C LEU A 361 14.25 -30.92 15.08
N ALA A 362 13.58 -30.89 16.22
CA ALA A 362 12.90 -32.09 16.70
C ALA A 362 11.82 -32.52 15.71
N ASN A 363 11.13 -31.56 15.09
CA ASN A 363 10.06 -31.90 14.11
C ASN A 363 10.59 -32.45 12.80
N ILE A 364 11.67 -31.86 12.32
CA ILE A 364 12.22 -32.24 11.03
C ILE A 364 12.79 -33.68 11.06
N HIS A 365 13.15 -34.16 12.25
CA HIS A 365 13.67 -35.53 12.40
C HIS A 365 12.59 -36.53 12.85
N ASN A 366 11.33 -36.08 12.85
CA ASN A 366 10.18 -36.91 13.23
C ASN A 366 9.87 -37.94 12.14
N ARG B 9 -29.06 29.87 5.86
CA ARG B 9 -28.10 30.01 4.73
C ARG B 9 -28.56 29.27 3.46
N ARG B 10 -28.11 29.78 2.31
CA ARG B 10 -28.41 29.21 0.99
C ARG B 10 -27.11 28.75 0.27
N ILE B 11 -27.07 27.48 -0.14
CA ILE B 11 -25.94 26.92 -0.88
C ILE B 11 -26.37 26.58 -2.32
N VAL B 12 -25.63 27.08 -3.31
CA VAL B 12 -25.86 26.65 -4.69
C VAL B 12 -24.94 25.47 -5.00
N LEU B 13 -25.58 24.34 -5.29
CA LEU B 13 -24.87 23.09 -5.38
C LEU B 13 -24.94 22.55 -6.82
N GLY B 14 -23.79 22.40 -7.46
CA GLY B 14 -23.80 21.73 -8.74
C GLY B 14 -23.94 20.23 -8.52
N LEU B 15 -24.93 19.62 -9.16
CA LEU B 15 -25.11 18.15 -9.15
C LEU B 15 -24.49 17.52 -10.41
N ILE B 16 -23.46 16.70 -10.24
CA ILE B 16 -22.80 16.03 -11.37
C ILE B 16 -22.89 14.51 -11.15
N PRO B 17 -24.06 13.91 -11.44
CA PRO B 17 -24.20 12.49 -11.11
C PRO B 17 -23.33 11.57 -11.96
N ALA B 18 -23.02 12.00 -13.18
CA ALA B 18 -22.20 11.22 -14.10
C ALA B 18 -22.78 9.81 -14.32
N ASP B 19 -22.07 8.73 -13.98
CA ASP B 19 -22.45 7.36 -14.44
C ASP B 19 -23.02 6.36 -13.44
N GLY B 20 -23.75 5.38 -13.98
CA GLY B 20 -24.25 4.23 -13.22
C GLY B 20 -25.02 4.62 -11.96
N ILE B 21 -24.61 4.08 -10.81
CA ILE B 21 -25.30 4.41 -9.56
C ILE B 21 -25.17 5.89 -9.16
N GLY B 22 -24.23 6.60 -9.78
CA GLY B 22 -24.14 8.06 -9.61
C GLY B 22 -25.50 8.68 -9.91
N LYS B 23 -26.16 8.16 -10.94
CA LYS B 23 -27.50 8.60 -11.35
C LYS B 23 -28.61 8.32 -10.33
N GLU B 24 -28.33 7.47 -9.35
CA GLU B 24 -29.34 7.12 -8.33
C GLU B 24 -29.02 7.72 -6.96
N VAL B 25 -27.74 7.76 -6.61
CA VAL B 25 -27.34 8.22 -5.27
C VAL B 25 -27.33 9.75 -5.20
N VAL B 26 -27.01 10.40 -6.31
CA VAL B 26 -27.07 11.87 -6.36
C VAL B 26 -28.54 12.38 -6.15
N PRO B 27 -29.56 11.84 -6.89
CA PRO B 27 -30.94 12.23 -6.51
C PRO B 27 -31.30 11.95 -5.06
N ALA B 28 -30.74 10.88 -4.49
CA ALA B 28 -31.06 10.55 -3.08
C ALA B 28 -30.53 11.64 -2.19
N ALA B 29 -29.31 12.10 -2.51
CA ALA B 29 -28.64 13.12 -1.70
C ALA B 29 -29.34 14.48 -1.90
N ARG B 30 -29.78 14.78 -3.12
CA ARG B 30 -30.58 16.00 -3.38
C ARG B 30 -31.78 16.06 -2.43
N ARG B 31 -32.47 14.95 -2.33
CA ARG B 31 -33.64 14.87 -1.48
C ARG B 31 -33.31 15.16 -0.02
N LEU B 32 -32.22 14.55 0.45
CA LEU B 32 -31.76 14.78 1.82
C LEU B 32 -31.54 16.27 2.08
N MET B 33 -30.78 16.90 1.19
CA MET B 33 -30.48 18.30 1.31
C MET B 33 -31.74 19.18 1.30
N GLU B 34 -32.72 18.83 0.47
CA GLU B 34 -34.03 19.54 0.43
C GLU B 34 -34.83 19.42 1.71
N ASN B 35 -34.54 18.38 2.50
CA ASN B 35 -35.30 18.10 3.70
C ASN B 35 -34.58 18.39 5.02
N LEU B 36 -33.47 19.10 4.94
CA LEU B 36 -32.70 19.48 6.14
C LEU B 36 -33.60 20.26 7.08
N PRO B 37 -33.79 19.73 8.33
CA PRO B 37 -34.64 20.31 9.38
C PRO B 37 -34.38 21.79 9.56
N ALA B 38 -35.44 22.50 9.96
CA ALA B 38 -35.46 23.94 10.12
C ALA B 38 -34.27 24.46 10.94
N LYS B 39 -33.98 23.75 12.03
CA LYS B 39 -32.95 24.19 13.01
C LYS B 39 -31.56 24.39 12.39
N HIS B 40 -31.26 23.68 11.30
CA HIS B 40 -29.98 23.88 10.63
C HIS B 40 -29.96 25.15 9.78
N LYS B 41 -31.14 25.72 9.55
CA LYS B 41 -31.31 26.95 8.76
C LYS B 41 -30.48 26.93 7.46
N LEU B 42 -30.65 25.88 6.66
CA LEU B 42 -29.87 25.69 5.45
C LEU B 42 -30.74 25.22 4.29
N LYS B 43 -30.83 26.06 3.26
CA LYS B 43 -31.54 25.73 2.03
C LYS B 43 -30.57 25.63 0.83
N PHE B 44 -30.96 24.84 -0.16
CA PHE B 44 -30.12 24.63 -1.35
C PHE B 44 -30.79 25.05 -2.65
N ASP B 45 -29.98 25.53 -3.59
CA ASP B 45 -30.40 25.62 -4.98
C ASP B 45 -29.59 24.62 -5.76
N PHE B 46 -30.24 23.87 -6.64
CA PHE B 46 -29.51 22.82 -7.33
C PHE B 46 -29.42 23.10 -8.81
N ILE B 47 -28.27 22.77 -9.38
CA ILE B 47 -28.01 22.97 -10.80
C ILE B 47 -27.49 21.68 -11.41
N ASP B 48 -28.16 21.22 -12.47
CA ASP B 48 -27.83 19.89 -13.01
C ASP B 48 -26.78 19.95 -14.08
N LEU B 49 -25.68 19.23 -13.86
CA LEU B 49 -24.51 19.32 -14.72
C LEU B 49 -24.13 17.96 -15.31
N ASP B 50 -23.44 18.04 -16.45
CA ASP B 50 -23.16 16.89 -17.29
C ASP B 50 -21.66 16.57 -17.33
N ALA B 51 -21.32 15.31 -17.05
CA ALA B 51 -19.93 14.79 -17.09
C ALA B 51 -19.89 13.24 -16.99
N GLY B 52 -18.82 12.62 -17.48
CA GLY B 52 -18.59 11.18 -17.23
C GLY B 52 -18.37 10.34 -18.49
N TRP B 53 -18.51 9.02 -18.35
CA TRP B 53 -18.30 8.09 -19.48
C TRP B 53 -19.45 8.18 -20.51
N GLY B 54 -20.69 8.19 -20.00
CA GLY B 54 -21.88 8.45 -20.82
C GLY B 54 -21.79 9.76 -21.57
N THR B 55 -21.30 10.81 -20.91
CA THR B 55 -21.14 12.13 -21.53
C THR B 55 -20.14 12.09 -22.68
N PHE B 56 -19.10 11.26 -22.54
CA PHE B 56 -18.14 11.10 -23.63
C PHE B 56 -18.79 10.37 -24.81
N GLU B 57 -19.35 9.18 -24.55
CA GLU B 57 -20.12 8.41 -25.54
C GLU B 57 -21.19 9.24 -26.20
N LYS B 61 -16.64 14.17 -25.37
CA LYS B 61 -16.07 14.92 -24.25
C LYS B 61 -16.61 14.44 -22.90
N ALA B 62 -15.69 14.13 -21.98
CA ALA B 62 -16.04 13.67 -20.66
C ALA B 62 -16.51 14.82 -19.77
N LEU B 63 -15.85 15.97 -19.92
CA LEU B 63 -16.14 17.16 -19.14
C LEU B 63 -16.41 18.36 -20.06
N PRO B 64 -17.69 18.67 -20.35
CA PRO B 64 -18.06 19.86 -21.09
C PRO B 64 -17.56 21.14 -20.44
N GLU B 65 -17.28 22.17 -21.25
CA GLU B 65 -16.80 23.46 -20.72
C GLU B 65 -17.92 24.15 -19.93
N ARG B 66 -19.16 23.98 -20.39
CA ARG B 66 -20.36 24.48 -19.72
C ARG B 66 -20.37 24.12 -18.23
N THR B 67 -20.07 22.85 -17.93
CA THR B 67 -20.01 22.35 -16.56
C THR B 67 -19.02 23.19 -15.73
N VAL B 68 -17.81 23.38 -16.23
CA VAL B 68 -16.83 24.21 -15.53
C VAL B 68 -17.33 25.65 -15.32
N GLU B 69 -17.83 26.27 -16.39
CA GLU B 69 -18.30 27.67 -16.32
C GLU B 69 -19.36 27.85 -15.22
N ARG B 70 -20.30 26.92 -15.16
CA ARG B 70 -21.38 26.96 -14.19
C ARG B 70 -20.90 26.79 -12.74
N LEU B 71 -19.89 25.92 -12.54
CA LEU B 71 -19.31 25.72 -11.22
C LEU B 71 -18.65 27.01 -10.72
N LYS B 72 -17.79 27.58 -11.55
CA LYS B 72 -17.08 28.82 -11.21
C LYS B 72 -18.00 29.98 -10.86
N THR B 73 -19.09 30.14 -11.61
CA THR B 73 -19.85 31.39 -11.57
C THR B 73 -21.19 31.33 -10.84
N GLU B 74 -21.70 30.12 -10.62
CA GLU B 74 -23.01 29.97 -9.99
C GLU B 74 -22.97 29.22 -8.66
N CYS B 75 -22.06 28.25 -8.55
CA CYS B 75 -22.06 27.29 -7.44
C CYS B 75 -21.12 27.66 -6.30
N ASN B 76 -21.54 27.33 -5.08
CA ASN B 76 -20.70 27.47 -3.89
C ASN B 76 -20.05 26.14 -3.58
N ALA B 77 -20.68 25.05 -4.01
CA ALA B 77 -20.12 23.69 -3.86
C ALA B 77 -20.61 22.79 -4.99
N ALA B 78 -20.27 21.51 -4.93
CA ALA B 78 -20.69 20.57 -5.96
C ALA B 78 -20.64 19.18 -5.38
N LEU B 79 -21.40 18.30 -6.00
CA LEU B 79 -21.47 16.90 -5.60
C LEU B 79 -21.32 16.07 -6.87
N PHE B 80 -20.30 15.22 -6.88
CA PHE B 80 -20.02 14.38 -8.01
C PHE B 80 -20.35 12.93 -7.67
N GLY B 81 -21.01 12.24 -8.61
CA GLY B 81 -21.38 10.83 -8.42
C GLY B 81 -20.18 9.94 -8.71
N ALA B 82 -20.22 9.25 -9.85
CA ALA B 82 -19.15 8.29 -10.21
C ALA B 82 -18.93 8.22 -11.71
N VAL B 83 -17.68 8.12 -12.11
CA VAL B 83 -17.35 7.95 -13.52
C VAL B 83 -17.10 6.45 -13.80
N GLN B 84 -17.72 5.91 -14.85
CA GLN B 84 -17.39 4.56 -15.29
C GLN B 84 -16.08 4.70 -16.06
N SER B 85 -14.97 4.52 -15.35
CA SER B 85 -13.65 4.66 -15.98
C SER B 85 -13.40 3.47 -16.90
N PRO B 86 -12.89 3.75 -18.12
CA PRO B 86 -12.56 2.66 -19.06
C PRO B 86 -11.29 1.92 -18.59
N THR B 87 -11.09 0.69 -19.06
CA THR B 87 -9.90 -0.10 -18.67
C THR B 87 -8.64 0.19 -19.52
N HIS B 88 -8.79 1.04 -20.54
CA HIS B 88 -7.71 1.35 -21.48
C HIS B 88 -7.89 2.76 -22.05
N LYS B 89 -6.83 3.32 -22.64
CA LYS B 89 -6.86 4.69 -23.19
C LYS B 89 -7.83 4.85 -24.37
N VAL B 90 -8.46 6.02 -24.46
CA VAL B 90 -9.42 6.30 -25.55
C VAL B 90 -9.18 7.71 -26.09
N ALA B 91 -8.83 7.82 -27.36
CA ALA B 91 -8.54 9.12 -27.99
C ALA B 91 -9.64 10.13 -27.65
N GLY B 92 -9.21 11.35 -27.30
CA GLY B 92 -10.13 12.38 -26.80
C GLY B 92 -10.55 12.28 -25.34
N TYR B 93 -10.53 11.08 -24.75
CA TYR B 93 -10.98 10.88 -23.35
C TYR B 93 -9.90 11.07 -22.27
N SER B 94 -10.11 12.05 -21.40
CA SER B 94 -9.31 12.21 -20.18
C SER B 94 -10.26 12.34 -18.98
N SER B 95 -9.86 11.76 -17.85
CA SER B 95 -10.73 11.62 -16.69
C SER B 95 -11.40 12.96 -16.36
N PRO B 96 -12.75 12.97 -16.28
CA PRO B 96 -13.37 14.26 -15.99
C PRO B 96 -13.24 14.70 -14.53
N ILE B 97 -13.09 13.72 -13.63
N ILE B 97 -13.12 13.76 -13.59
CA ILE B 97 -12.95 13.99 -12.21
CA ILE B 97 -12.94 14.18 -12.20
C ILE B 97 -11.57 14.54 -11.89
C ILE B 97 -11.55 14.72 -12.00
N VAL B 98 -10.56 14.08 -12.63
CA VAL B 98 -9.20 14.61 -12.53
C VAL B 98 -9.16 16.05 -13.04
N ALA B 99 -9.76 16.32 -14.21
CA ALA B 99 -9.82 17.67 -14.77
C ALA B 99 -10.66 18.65 -13.92
N LEU B 100 -11.76 18.16 -13.34
CA LEU B 100 -12.57 19.01 -12.44
C LEU B 100 -11.80 19.51 -11.23
N ARG B 101 -11.00 18.62 -10.62
CA ARG B 101 -10.24 18.96 -9.42
C ARG B 101 -9.21 20.04 -9.71
N LYS B 102 -8.49 19.87 -10.82
CA LYS B 102 -7.50 20.86 -11.23
C LYS B 102 -8.17 22.21 -11.58
N LYS B 103 -9.26 22.17 -12.32
CA LYS B 103 -9.91 23.43 -12.73
C LYS B 103 -10.54 24.24 -11.59
N MET B 104 -11.03 23.54 -10.57
CA MET B 104 -11.66 24.17 -9.41
C MET B 104 -10.66 24.44 -8.29
N GLY B 105 -9.41 24.05 -8.52
CA GLY B 105 -8.34 24.29 -7.56
C GLY B 105 -8.50 23.45 -6.30
N LEU B 106 -8.99 22.23 -6.46
CA LEU B 106 -9.20 21.32 -5.33
C LEU B 106 -7.95 20.48 -5.08
N TYR B 107 -7.07 21.03 -4.25
CA TYR B 107 -5.74 20.47 -4.03
C TYR B 107 -5.71 19.36 -2.99
N ALA B 108 -6.76 19.27 -2.18
CA ALA B 108 -6.76 18.31 -1.12
C ALA B 108 -7.78 17.22 -1.41
N ASN B 109 -7.36 15.97 -1.39
CA ASN B 109 -8.30 14.87 -1.47
C ASN B 109 -8.45 14.30 -0.06
N VAL B 110 -9.67 14.43 0.49
CA VAL B 110 -9.95 14.12 1.90
C VAL B 110 -10.85 12.88 2.04
N ARG B 111 -10.31 11.83 2.67
CA ARG B 111 -11.07 10.55 2.87
C ARG B 111 -11.15 10.08 4.32
N PRO B 112 -12.27 10.41 5.01
CA PRO B 112 -12.56 9.91 6.34
C PRO B 112 -12.84 8.39 6.25
N VAL B 113 -12.20 7.62 7.12
CA VAL B 113 -12.49 6.21 7.30
C VAL B 113 -12.86 5.99 8.77
N LYS B 114 -14.15 5.81 9.01
CA LYS B 114 -14.66 5.78 10.38
C LYS B 114 -15.63 4.61 10.53
N SER B 115 -15.29 3.63 11.36
CA SER B 115 -16.15 2.46 11.58
C SER B 115 -17.35 2.86 12.42
N LEU B 116 -18.47 2.15 12.28
CA LEU B 116 -19.63 2.46 13.10
C LEU B 116 -19.46 1.78 14.46
N ASP B 117 -19.78 2.48 15.54
CA ASP B 117 -19.69 1.84 16.86
C ASP B 117 -20.59 0.61 16.84
N GLY B 118 -20.00 -0.53 17.14
CA GLY B 118 -20.79 -1.75 17.22
C GLY B 118 -20.80 -2.58 15.95
N ALA B 119 -20.32 -1.99 14.85
CA ALA B 119 -20.19 -2.73 13.60
C ALA B 119 -19.14 -3.83 13.76
N LYS B 120 -19.30 -4.89 12.96
CA LYS B 120 -18.25 -5.89 12.80
C LYS B 120 -17.04 -5.22 12.14
N GLY B 121 -15.86 -5.73 12.40
CA GLY B 121 -14.67 -5.16 11.79
C GLY B 121 -13.90 -4.32 12.78
N LYS B 122 -12.68 -3.94 12.39
CA LYS B 122 -11.70 -3.31 13.28
C LYS B 122 -12.01 -1.84 13.51
N PRO B 123 -12.01 -1.36 14.78
CA PRO B 123 -12.30 0.06 15.06
C PRO B 123 -11.29 0.95 14.38
N VAL B 124 -11.78 1.96 13.66
CA VAL B 124 -10.91 2.90 12.96
C VAL B 124 -11.61 4.25 12.99
N ASP B 125 -10.84 5.32 13.14
CA ASP B 125 -11.41 6.66 13.01
C ASP B 125 -10.30 7.61 12.55
N LEU B 126 -10.04 7.61 11.26
CA LEU B 126 -8.95 8.40 10.69
C LEU B 126 -9.42 9.15 9.47
N VAL B 127 -8.56 10.07 9.02
CA VAL B 127 -8.80 10.79 7.80
C VAL B 127 -7.47 10.83 7.06
N ILE B 128 -7.49 10.33 5.83
CA ILE B 128 -6.35 10.52 4.93
C ILE B 128 -6.48 11.81 4.11
N VAL B 129 -5.49 12.67 4.29
CA VAL B 129 -5.42 13.97 3.63
C VAL B 129 -4.32 13.86 2.57
N ARG B 130 -4.74 13.72 1.33
CA ARG B 130 -3.86 13.39 0.22
C ARG B 130 -3.66 14.63 -0.64
N GLU B 131 -2.40 15.01 -0.82
CA GLU B 131 -2.03 16.09 -1.76
C GLU B 131 -2.45 15.62 -3.14
N ASN B 132 -3.19 16.45 -3.87
CA ASN B 132 -3.79 15.94 -5.10
C ASN B 132 -3.42 16.66 -6.38
N THR B 133 -2.27 17.32 -6.41
CA THR B 133 -1.91 18.14 -7.57
C THR B 133 -0.62 17.70 -8.27
N GLU B 134 0.31 17.14 -7.50
CA GLU B 134 1.66 16.93 -8.04
C GLU B 134 2.18 15.49 -7.86
N CYS B 135 3.44 15.37 -7.42
CA CYS B 135 4.10 14.08 -7.31
C CYS B 135 4.22 13.51 -8.75
N LEU B 136 4.03 12.21 -8.95
CA LEU B 136 4.11 11.64 -10.30
C LEU B 136 2.92 12.03 -11.19
N TYR B 137 1.89 12.59 -10.58
CA TYR B 137 0.62 12.88 -11.27
C TYR B 137 0.68 14.14 -12.12
N VAL B 138 1.84 14.79 -12.11
CA VAL B 138 2.14 15.84 -13.10
C VAL B 138 2.15 15.29 -14.53
N LYS B 139 2.22 13.96 -14.65
CA LYS B 139 2.20 13.24 -15.93
C LYS B 139 3.16 13.84 -16.96
N GLU B 140 4.44 13.86 -16.58
CA GLU B 140 5.53 14.32 -17.44
C GLU B 140 6.45 13.13 -17.69
N GLU B 141 6.19 12.43 -18.79
CA GLU B 141 6.95 11.23 -19.18
C GLU B 141 7.58 11.32 -20.55
N ARG B 142 8.66 10.58 -20.78
CA ARG B 142 9.28 10.51 -22.09
C ARG B 142 9.94 9.16 -22.31
N MET B 143 9.78 8.61 -23.52
CA MET B 143 10.53 7.41 -23.88
C MET B 143 11.93 7.90 -24.31
N VAL B 144 12.89 7.76 -23.39
CA VAL B 144 14.21 8.37 -23.56
C VAL B 144 15.15 7.54 -24.45
N GLN B 145 14.91 6.23 -24.50
CA GLN B 145 15.63 5.34 -25.42
C GLN B 145 14.59 4.49 -26.13
N ASN B 146 14.68 4.42 -27.46
CA ASN B 146 13.62 3.84 -28.26
C ASN B 146 14.05 2.64 -29.06
N THR B 147 15.23 2.10 -28.73
CA THR B 147 15.76 0.95 -29.40
C THR B 147 14.87 -0.26 -29.13
N PRO B 148 14.35 -0.91 -30.21
CA PRO B 148 13.57 -2.17 -30.09
C PRO B 148 14.20 -3.18 -29.13
N GLY B 149 13.42 -3.61 -28.13
CA GLY B 149 13.90 -4.56 -27.11
C GLY B 149 14.58 -3.92 -25.91
N LYS B 150 15.00 -2.66 -26.07
CA LYS B 150 15.83 -1.97 -25.07
C LYS B 150 15.32 -0.56 -24.77
N ARG B 151 14.01 -0.40 -24.85
CA ARG B 151 13.39 0.86 -24.49
C ARG B 151 13.61 1.27 -23.06
N VAL B 152 13.71 2.58 -22.84
CA VAL B 152 13.79 3.11 -21.49
C VAL B 152 12.86 4.30 -21.43
N ALA B 153 11.97 4.28 -20.45
CA ALA B 153 11.04 5.39 -20.21
C ALA B 153 11.34 6.10 -18.89
N GLU B 154 11.12 7.41 -18.84
CA GLU B 154 11.30 8.15 -17.59
C GLU B 154 10.08 9.01 -17.24
N ALA B 155 9.77 9.14 -15.96
CA ALA B 155 8.73 10.08 -15.50
C ALA B 155 9.28 11.00 -14.43
N ILE B 156 8.73 12.22 -14.35
CA ILE B 156 9.10 13.19 -13.33
C ILE B 156 8.15 13.14 -12.14
N ARG B 157 8.71 12.95 -10.94
CA ARG B 157 8.01 13.16 -9.66
C ARG B 157 8.36 14.53 -9.11
N ARG B 158 7.37 15.43 -9.03
CA ARG B 158 7.61 16.79 -8.60
C ARG B 158 6.97 17.10 -7.24
N ILE B 159 7.78 17.55 -6.29
CA ILE B 159 7.26 17.95 -4.96
C ILE B 159 7.67 19.40 -4.75
N SER B 160 6.70 20.25 -4.44
CA SER B 160 6.97 21.68 -4.25
C SER B 160 6.65 22.08 -2.81
N GLU B 161 7.46 22.97 -2.25
CA GLU B 161 7.23 23.49 -0.91
C GLU B 161 5.84 24.12 -0.75
N GLU B 162 5.40 24.87 -1.76
CA GLU B 162 4.13 25.59 -1.63
C GLU B 162 2.95 24.60 -1.57
N ALA B 163 2.88 23.61 -2.46
CA ALA B 163 1.78 22.62 -2.43
C ALA B 163 1.81 21.77 -1.16
N SER B 164 3.02 21.37 -0.75
CA SER B 164 3.23 20.55 0.46
C SER B 164 2.89 21.32 1.75
N THR B 165 3.26 22.59 1.84
CA THR B 165 2.86 23.39 3.00
C THR B 165 1.34 23.52 3.09
N LYS B 166 0.69 23.70 1.94
CA LYS B 166 -0.74 23.87 1.89
C LYS B 166 -1.50 22.63 2.35
N ILE B 167 -1.08 21.45 1.88
CA ILE B 167 -1.73 20.22 2.32
C ILE B 167 -1.43 19.97 3.81
N GLY B 168 -0.23 20.35 4.25
CA GLY B 168 0.13 20.27 5.67
C GLY B 168 -0.79 21.11 6.55
N LYS B 169 -1.03 22.34 6.13
CA LYS B 169 -1.91 23.26 6.85
C LYS B 169 -3.34 22.72 6.95
N MET B 170 -3.80 22.14 5.85
CA MET B 170 -5.11 21.51 5.75
C MET B 170 -5.23 20.35 6.73
N ALA B 171 -4.19 19.52 6.81
CA ALA B 171 -4.17 18.43 7.79
C ALA B 171 -4.31 18.96 9.23
N PHE B 172 -3.55 20.00 9.57
CA PHE B 172 -3.70 20.61 10.91
C PHE B 172 -5.09 21.19 11.13
N GLU B 173 -5.65 21.87 10.13
CA GLU B 173 -7.02 22.39 10.22
C GLU B 173 -7.99 21.25 10.56
N ILE B 174 -7.83 20.13 9.86
CA ILE B 174 -8.73 18.99 10.04
C ILE B 174 -8.51 18.37 11.43
N ALA B 175 -7.25 18.27 11.88
CA ALA B 175 -6.95 17.74 13.20
C ALA B 175 -7.60 18.65 14.27
N LYS B 176 -7.43 19.96 14.09
CA LYS B 176 -8.04 20.96 14.99
C LYS B 176 -9.57 20.83 15.00
N SER B 177 -10.15 20.71 13.81
CA SER B 177 -11.62 20.65 13.74
C SER B 177 -12.16 19.38 14.37
N ARG B 178 -11.48 18.27 14.15
CA ARG B 178 -11.83 17.02 14.83
C ARG B 178 -11.70 17.10 16.37
N GLN B 179 -10.68 17.77 16.88
CA GLN B 179 -10.52 17.94 18.34
C GLN B 179 -11.67 18.76 18.93
N LYS B 180 -12.09 19.80 18.21
CA LYS B 180 -13.23 20.61 18.62
C LYS B 180 -14.53 19.79 18.68
N ILE B 181 -14.71 18.87 17.72
CA ILE B 181 -15.86 17.97 17.74
C ILE B 181 -15.84 17.09 19.02
N ARG B 182 -14.68 16.54 19.37
CA ARG B 182 -14.56 15.73 20.59
C ARG B 182 -14.91 16.53 21.82
N GLU B 183 -14.40 17.75 21.89
CA GLU B 183 -14.61 18.62 23.06
C GLU B 183 -16.05 19.13 23.20
N SER B 184 -16.82 19.10 22.12
CA SER B 184 -18.25 19.41 22.16
C SER B 184 -19.06 18.26 22.76
N GLY B 185 -18.41 17.11 22.95
CA GLY B 185 -19.05 15.96 23.60
C GLY B 185 -19.30 14.72 22.73
N THR B 186 -18.79 14.72 21.50
CA THR B 186 -18.86 13.52 20.67
C THR B 186 -17.78 12.54 21.13
N TYR B 187 -18.17 11.29 21.37
CA TYR B 187 -17.22 10.26 21.79
C TYR B 187 -16.29 9.92 20.64
N SER B 188 -15.04 9.63 20.99
CA SER B 188 -14.01 9.31 20.02
C SER B 188 -13.05 8.33 20.66
N ILE B 189 -12.50 7.43 19.86
CA ILE B 189 -11.47 6.48 20.30
C ILE B 189 -10.11 7.18 20.51
N HIS B 190 -10.06 8.47 20.20
CA HIS B 190 -8.84 9.26 20.37
C HIS B 190 -9.01 10.29 21.51
N LYS B 191 -8.06 10.29 22.43
CA LYS B 191 -8.02 11.28 23.53
C LYS B 191 -7.28 12.55 23.08
N LYS B 192 -6.46 12.41 22.04
CA LYS B 192 -5.53 13.46 21.62
C LYS B 192 -5.45 13.55 20.11
N PRO B 193 -5.42 14.78 19.57
CA PRO B 193 -5.25 14.93 18.13
C PRO B 193 -3.84 14.60 17.65
N LEU B 194 -3.72 14.07 16.43
CA LEU B 194 -2.44 13.65 15.89
C LEU B 194 -2.41 13.85 14.38
N VAL B 195 -1.33 14.45 13.90
CA VAL B 195 -1.02 14.46 12.47
C VAL B 195 0.22 13.59 12.23
N THR B 196 0.01 12.56 11.41
CA THR B 196 1.07 11.69 10.97
C THR B 196 1.44 12.01 9.52
N ILE B 197 2.72 12.34 9.34
CA ILE B 197 3.25 12.76 8.04
C ILE B 197 3.89 11.57 7.37
N ILE B 198 3.41 11.24 6.18
CA ILE B 198 3.84 10.04 5.46
C ILE B 198 4.96 10.34 4.46
N HIS B 199 5.98 9.48 4.41
CA HIS B 199 7.11 9.73 3.46
C HIS B 199 7.87 8.44 3.16
N LYS B 200 8.86 8.53 2.27
CA LYS B 200 9.80 7.45 2.07
C LYS B 200 11.16 8.12 1.86
N SER B 201 11.59 8.90 2.85
CA SER B 201 12.82 9.70 2.69
CA SER B 201 12.83 9.70 2.76
C SER B 201 14.10 8.88 2.63
N ASN B 202 14.06 7.61 3.03
CA ASN B 202 15.27 6.77 2.87
C ASN B 202 15.55 6.43 1.38
N VAL B 203 14.52 6.53 0.55
CA VAL B 203 14.71 6.37 -0.89
C VAL B 203 14.70 7.76 -1.56
N MET B 204 13.72 8.58 -1.23
CA MET B 204 13.51 9.89 -1.88
C MET B 204 13.95 10.99 -0.92
N SER B 205 15.25 11.06 -0.64
N SER B 205 15.26 11.05 -0.65
CA SER B 205 15.78 12.01 0.33
CA SER B 205 15.86 12.01 0.30
C SER B 205 15.40 13.47 0.03
C SER B 205 15.44 13.45 0.03
N VAL B 206 15.54 13.87 -1.24
CA VAL B 206 15.28 15.27 -1.61
C VAL B 206 13.78 15.60 -1.68
N THR B 207 13.04 14.82 -2.47
CA THR B 207 11.64 15.14 -2.72
C THR B 207 10.82 14.89 -1.45
N ASP B 208 11.02 13.73 -0.82
CA ASP B 208 10.25 13.41 0.42
C ASP B 208 10.75 14.24 1.60
N GLY B 209 12.06 14.56 1.59
CA GLY B 209 12.60 15.47 2.60
C GLY B 209 11.94 16.81 2.54
N LEU B 210 11.71 17.32 1.34
CA LEU B 210 10.96 18.59 1.19
C LEU B 210 9.49 18.48 1.65
N PHE B 211 8.83 17.38 1.32
CA PHE B 211 7.45 17.15 1.77
C PHE B 211 7.38 17.20 3.31
N ARG B 212 8.25 16.43 3.96
CA ARG B 212 8.34 16.39 5.43
C ARG B 212 8.58 17.74 6.04
N GLU B 213 9.62 18.42 5.58
CA GLU B 213 9.94 19.76 6.12
C GLU B 213 8.75 20.70 6.01
N SER B 214 8.08 20.66 4.87
CA SER B 214 6.99 21.59 4.56
C SER B 214 5.77 21.37 5.47
N CYS B 215 5.43 20.09 5.65
CA CYS B 215 4.35 19.70 6.56
C CYS B 215 4.67 20.02 8.01
N ARG B 216 5.92 19.81 8.43
CA ARG B 216 6.35 20.16 9.80
C ARG B 216 6.25 21.68 10.00
N HIS B 217 6.69 22.42 8.98
CA HIS B 217 6.62 23.90 9.02
C HIS B 217 5.19 24.46 9.02
N ALA B 218 4.26 23.74 8.40
CA ALA B 218 2.87 24.18 8.37
C ALA B 218 2.28 24.27 9.78
N GLN B 219 2.83 23.52 10.72
CA GLN B 219 2.34 23.61 12.11
C GLN B 219 2.49 25.04 12.64
N SER B 220 3.59 25.70 12.25
CA SER B 220 3.88 27.05 12.72
C SER B 220 2.97 28.13 12.14
N LEU B 221 2.17 27.78 11.13
CA LEU B 221 1.29 28.76 10.45
C LEU B 221 0.06 29.28 11.23
N ASP B 222 -0.35 28.56 12.27
CA ASP B 222 -1.43 29.00 13.16
C ASP B 222 -1.01 28.62 14.58
N PRO B 223 -1.08 29.58 15.53
CA PRO B 223 -0.68 29.27 16.90
C PRO B 223 -1.49 28.12 17.53
N SER B 224 -2.76 28.02 17.14
CA SER B 224 -3.64 26.97 17.67
C SER B 224 -3.28 25.54 17.26
N TYR B 225 -2.32 25.37 16.34
CA TYR B 225 -1.83 24.02 15.99
C TYR B 225 -0.71 23.52 16.91
N ALA B 226 -0.13 24.38 17.76
CA ALA B 226 1.09 24.00 18.49
C ALA B 226 0.81 22.82 19.40
N SER B 227 -0.45 22.71 19.78
CA SER B 227 -1.01 21.71 20.67
C SER B 227 -1.22 20.32 20.00
N ILE B 228 -1.11 20.29 18.69
CA ILE B 228 -1.39 19.05 17.96
C ILE B 228 -0.13 18.18 17.90
N ASN B 229 -0.23 16.91 18.30
CA ASN B 229 0.93 16.03 18.22
C ASN B 229 1.24 15.72 16.75
N VAL B 230 2.52 15.59 16.42
CA VAL B 230 2.96 15.33 15.06
C VAL B 230 3.94 14.17 15.08
N ASP B 231 3.74 13.20 14.19
CA ASP B 231 4.80 12.26 13.90
C ASP B 231 4.98 12.05 12.40
N GLU B 232 5.90 11.17 12.07
CA GLU B 232 6.32 10.92 10.69
C GLU B 232 6.43 9.39 10.55
N GLN B 233 5.92 8.83 9.45
CA GLN B 233 5.89 7.39 9.31
C GLN B 233 6.20 7.08 7.85
N ILE B 234 6.97 6.02 7.63
CA ILE B 234 7.25 5.50 6.26
C ILE B 234 6.02 4.83 5.70
N VAL B 235 5.72 5.11 4.44
CA VAL B 235 4.46 4.69 3.83
C VAL B 235 4.27 3.17 3.96
N ASP B 236 5.36 2.41 3.78
CA ASP B 236 5.32 0.94 3.87
CA ASP B 236 5.23 0.95 3.85
C ASP B 236 4.86 0.45 5.25
N SER B 237 5.40 1.06 6.32
CA SER B 237 5.02 0.65 7.70
C SER B 237 3.58 1.03 7.96
N MET B 238 3.21 2.18 7.46
CA MET B 238 1.86 2.66 7.58
C MET B 238 0.84 1.69 6.93
N VAL B 239 1.16 1.16 5.74
CA VAL B 239 0.26 0.18 5.13
C VAL B 239 0.16 -1.07 6.05
N TYR B 240 1.31 -1.47 6.61
CA TYR B 240 1.39 -2.62 7.50
C TYR B 240 0.52 -2.38 8.74
N ARG B 241 0.68 -1.19 9.33
CA ARG B 241 -0.06 -0.78 10.51
C ARG B 241 -1.55 -0.54 10.29
N LEU B 242 -1.95 -0.07 9.12
CA LEU B 242 -3.37 0.03 8.78
C LEU B 242 -4.15 -1.27 8.98
N PHE B 243 -3.54 -2.39 8.60
CA PHE B 243 -4.24 -3.67 8.66
C PHE B 243 -4.36 -4.15 10.10
N ARG B 244 -3.40 -3.77 10.94
CA ARG B 244 -3.27 -4.36 12.27
C ARG B 244 -3.76 -3.46 13.39
N GLU B 245 -3.47 -2.18 13.29
CA GLU B 245 -3.77 -1.28 14.39
C GLU B 245 -4.19 0.07 13.83
N PRO B 246 -5.28 0.08 12.99
CA PRO B 246 -5.66 1.32 12.36
C PRO B 246 -6.12 2.35 13.40
N GLU B 247 -6.43 1.91 14.62
CA GLU B 247 -6.89 2.78 15.72
C GLU B 247 -5.81 3.76 16.19
N CYS B 248 -4.56 3.51 15.80
CA CYS B 248 -3.46 4.37 16.23
C CYS B 248 -3.41 5.69 15.44
N PHE B 249 -4.22 5.83 14.39
CA PHE B 249 -4.13 7.01 13.53
C PHE B 249 -5.29 7.95 13.63
N ASP B 250 -4.98 9.23 13.57
CA ASP B 250 -6.02 10.25 13.61
C ASP B 250 -6.04 10.91 12.22
N VAL B 251 -5.26 11.96 12.01
CA VAL B 251 -5.13 12.57 10.70
C VAL B 251 -3.81 12.15 10.06
N VAL B 252 -3.87 11.73 8.81
CA VAL B 252 -2.70 11.25 8.09
C VAL B 252 -2.53 12.13 6.85
N VAL B 253 -1.35 12.73 6.67
CA VAL B 253 -1.11 13.60 5.52
C VAL B 253 -0.01 13.01 4.61
N ALA B 254 -0.28 12.94 3.32
CA ALA B 254 0.62 12.24 2.42
C ALA B 254 0.73 12.94 1.06
N PRO B 255 1.88 12.77 0.38
CA PRO B 255 1.94 13.19 -1.02
C PRO B 255 1.01 12.36 -1.88
N ASN B 256 0.88 12.76 -3.15
CA ASN B 256 -0.14 12.22 -4.03
C ASN B 256 -0.19 10.69 -4.10
N LEU B 257 0.90 10.03 -4.48
CA LEU B 257 0.85 8.58 -4.69
C LEU B 257 0.69 7.77 -3.39
N TYR B 258 1.40 8.18 -2.33
CA TYR B 258 1.28 7.45 -1.08
C TYR B 258 -0.15 7.61 -0.55
N GLY B 259 -0.70 8.81 -0.72
CA GLY B 259 -2.08 9.13 -0.29
C GLY B 259 -3.13 8.29 -1.01
N ASP B 260 -2.94 8.11 -2.29
CA ASP B 260 -3.81 7.30 -3.11
C ASP B 260 -3.81 5.85 -2.55
N ILE B 261 -2.62 5.27 -2.37
CA ILE B 261 -2.52 3.89 -1.88
C ILE B 261 -3.08 3.76 -0.46
N LEU B 262 -2.74 4.67 0.45
CA LEU B 262 -3.27 4.57 1.80
C LEU B 262 -4.79 4.74 1.90
N SER B 263 -5.37 5.65 1.12
CA SER B 263 -6.81 5.87 1.20
CA SER B 263 -6.82 5.88 1.20
C SER B 263 -7.57 4.59 0.83
N ASP B 264 -7.04 3.88 -0.16
CA ASP B 264 -7.67 2.64 -0.59
CA ASP B 264 -7.61 2.63 -0.63
C ASP B 264 -7.41 1.49 0.40
N GLY B 265 -6.20 1.40 0.96
CA GLY B 265 -5.94 0.50 2.12
C GLY B 265 -6.84 0.76 3.31
N ALA B 266 -6.99 2.03 3.70
CA ALA B 266 -7.87 2.38 4.81
C ALA B 266 -9.33 2.01 4.51
N ALA B 267 -9.79 2.26 3.29
CA ALA B 267 -11.20 2.01 2.92
C ALA B 267 -11.53 0.55 3.06
N SER B 268 -10.53 -0.30 2.85
CA SER B 268 -10.77 -1.72 2.89
C SER B 268 -11.24 -2.19 4.28
N LEU B 269 -11.01 -1.35 5.30
CA LEU B 269 -11.36 -1.72 6.68
C LEU B 269 -12.87 -1.71 6.92
N ILE B 270 -13.59 -0.95 6.11
CA ILE B 270 -15.06 -0.81 6.21
C ILE B 270 -15.75 -1.88 5.35
N GLY B 271 -16.77 -2.54 5.89
CA GLY B 271 -17.36 -3.70 5.22
C GLY B 271 -17.86 -3.48 3.78
N SER B 272 -18.45 -2.32 3.54
CA SER B 272 -19.01 -1.98 2.25
C SER B 272 -18.59 -0.60 1.79
N LEU B 273 -18.13 -0.53 0.56
CA LEU B 273 -17.65 0.70 0.00
C LEU B 273 -18.77 1.77 -0.14
N GLY B 274 -20.02 1.31 -0.16
CA GLY B 274 -21.16 2.21 -0.12
C GLY B 274 -21.32 3.03 1.13
N LEU B 275 -20.42 2.86 2.12
CA LEU B 275 -20.45 3.63 3.36
C LEU B 275 -19.37 4.71 3.43
N VAL B 276 -18.42 4.70 2.49
CA VAL B 276 -17.19 5.54 2.58
C VAL B 276 -17.27 6.83 1.75
N PRO B 277 -17.13 7.99 2.42
CA PRO B 277 -17.25 9.27 1.70
C PRO B 277 -15.90 9.85 1.31
N SER B 278 -15.91 10.90 0.49
CA SER B 278 -14.72 11.73 0.25
C SER B 278 -15.13 13.14 -0.17
N ALA B 279 -14.16 14.06 -0.12
CA ALA B 279 -14.35 15.41 -0.60
C ALA B 279 -13.05 15.90 -1.20
N ASN B 280 -13.16 16.66 -2.28
CA ASN B 280 -12.05 17.38 -2.85
C ASN B 280 -12.22 18.84 -2.45
N VAL B 281 -11.22 19.34 -1.73
CA VAL B 281 -11.31 20.63 -1.06
C VAL B 281 -10.27 21.60 -1.61
N GLY B 282 -10.72 22.81 -1.96
CA GLY B 282 -9.85 23.94 -2.26
C GLY B 282 -10.17 25.12 -1.35
N ASP B 283 -9.55 26.25 -1.62
CA ASP B 283 -9.68 27.38 -0.69
C ASP B 283 -11.05 28.04 -0.68
N ASN B 284 -11.74 28.02 -1.81
CA ASN B 284 -13.07 28.64 -1.87
C ASN B 284 -14.09 27.71 -2.52
N PHE B 285 -13.82 26.40 -2.49
CA PHE B 285 -14.74 25.45 -3.10
C PHE B 285 -14.55 24.06 -2.54
N VAL B 286 -15.65 23.29 -2.50
CA VAL B 286 -15.56 21.88 -2.16
C VAL B 286 -16.48 21.05 -3.05
N MET B 287 -16.03 19.86 -3.40
CA MET B 287 -16.83 18.94 -4.19
C MET B 287 -16.84 17.58 -3.51
N SER B 288 -18.00 17.19 -2.99
CA SER B 288 -18.20 15.91 -2.33
C SER B 288 -18.25 14.84 -3.39
N GLU B 289 -17.83 13.63 -3.03
CA GLU B 289 -17.74 12.56 -3.99
C GLU B 289 -17.65 11.22 -3.22
N PRO B 290 -18.64 10.34 -3.40
CA PRO B 290 -18.56 9.01 -2.80
C PRO B 290 -17.38 8.21 -3.33
N VAL B 291 -16.85 7.32 -2.51
CA VAL B 291 -15.65 6.57 -2.92
C VAL B 291 -15.93 5.46 -3.93
N HIS B 292 -17.06 4.78 -3.74
CA HIS B 292 -17.48 3.70 -4.63
C HIS B 292 -17.51 4.12 -6.11
N GLY B 293 -17.41 3.13 -6.98
CA GLY B 293 -17.46 3.38 -8.42
C GLY B 293 -18.91 3.42 -8.87
N SER B 294 -19.10 3.35 -10.18
CA SER B 294 -20.46 3.45 -10.76
C SER B 294 -21.30 2.17 -10.72
N ALA B 295 -20.69 1.06 -10.27
CA ALA B 295 -21.39 -0.21 -9.99
C ALA B 295 -22.35 -0.64 -11.09
N PRO B 296 -21.86 -0.72 -12.34
CA PRO B 296 -22.70 -1.07 -13.50
C PRO B 296 -23.65 -2.25 -13.25
N ASP B 297 -23.19 -3.23 -12.48
N ASP B 297 -23.16 -3.23 -12.50
CA ASP B 297 -23.93 -4.48 -12.30
CA ASP B 297 -23.90 -4.47 -12.24
C ASP B 297 -25.03 -4.47 -11.22
C ASP B 297 -25.25 -4.29 -11.54
N ILE B 298 -25.34 -3.29 -10.66
CA ILE B 298 -26.58 -3.07 -9.87
C ILE B 298 -27.33 -1.80 -10.28
N ALA B 299 -26.72 -1.03 -11.17
CA ALA B 299 -27.26 0.27 -11.58
C ALA B 299 -28.64 0.11 -12.24
N GLY B 300 -29.55 1.02 -11.91
CA GLY B 300 -30.90 1.00 -12.43
C GLY B 300 -31.78 -0.07 -11.81
N ARG B 301 -31.40 -0.57 -10.64
CA ARG B 301 -32.22 -1.56 -9.92
C ARG B 301 -32.75 -1.00 -8.60
N GLY B 302 -32.50 0.29 -8.37
CA GLY B 302 -33.02 1.01 -7.20
C GLY B 302 -32.54 0.52 -5.84
N ILE B 303 -31.33 -0.08 -5.81
CA ILE B 303 -30.80 -0.62 -4.54
C ILE B 303 -29.44 -0.07 -4.13
N ALA B 304 -28.88 0.86 -4.90
CA ALA B 304 -27.59 1.46 -4.53
C ALA B 304 -27.64 2.02 -3.12
N ASN B 305 -26.50 1.96 -2.40
CA ASN B 305 -26.37 2.56 -1.08
C ASN B 305 -26.06 4.03 -1.22
N PRO B 306 -26.98 4.91 -0.78
CA PRO B 306 -26.71 6.36 -0.84
C PRO B 306 -25.91 6.88 0.37
N VAL B 307 -25.51 6.00 1.29
CA VAL B 307 -24.91 6.50 2.56
C VAL B 307 -23.57 7.22 2.35
N ALA B 308 -22.73 6.67 1.47
CA ALA B 308 -21.43 7.28 1.17
C ALA B 308 -21.66 8.68 0.62
N THR B 309 -22.71 8.83 -0.19
CA THR B 309 -23.05 10.12 -0.75
C THR B 309 -23.55 11.06 0.32
N PHE B 310 -24.41 10.59 1.22
CA PHE B 310 -24.89 11.45 2.31
C PHE B 310 -23.72 11.95 3.16
N ARG B 311 -22.80 11.04 3.44
CA ARG B 311 -21.65 11.35 4.28
C ARG B 311 -20.63 12.24 3.58
N SER B 312 -20.60 12.19 2.26
CA SER B 312 -19.73 13.10 1.50
C SER B 312 -20.34 14.47 1.51
N VAL B 313 -21.68 14.52 1.43
CA VAL B 313 -22.40 15.79 1.62
C VAL B 313 -22.15 16.35 3.04
N ALA B 314 -22.28 15.48 4.04
CA ALA B 314 -21.94 15.81 5.43
C ALA B 314 -20.50 16.32 5.55
N LEU B 315 -19.55 15.64 4.92
CA LEU B 315 -18.15 16.08 4.94
C LEU B 315 -17.96 17.48 4.33
N MET B 316 -18.55 17.69 3.17
CA MET B 316 -18.58 18.95 2.48
C MET B 316 -19.18 20.05 3.36
N LEU B 317 -20.25 19.71 4.08
CA LEU B 317 -20.89 20.66 4.99
C LEU B 317 -20.00 21.09 6.17
N GLU B 318 -19.17 20.16 6.64
CA GLU B 318 -18.19 20.48 7.68
C GLU B 318 -17.17 21.50 7.19
N PHE B 319 -16.73 21.32 5.95
CA PHE B 319 -15.75 22.22 5.33
C PHE B 319 -16.35 23.56 4.98
N MET B 320 -17.67 23.60 4.94
CA MET B 320 -18.37 24.84 4.63
C MET B 320 -18.90 25.56 5.88
N GLY B 321 -18.66 24.96 7.04
CA GLY B 321 -18.87 25.64 8.32
C GLY B 321 -20.24 25.34 8.87
N HIS B 322 -20.77 24.17 8.49
CA HIS B 322 -22.07 23.69 8.92
C HIS B 322 -21.92 22.38 9.68
N GLN B 323 -21.13 22.45 10.75
CA GLN B 323 -20.81 21.27 11.56
C GLN B 323 -22.08 20.69 12.16
N ASP B 324 -23.02 21.60 12.50
CA ASP B 324 -24.32 21.26 13.06
C ASP B 324 -25.13 20.37 12.10
N ALA B 325 -25.36 20.89 10.88
CA ALA B 325 -26.00 20.12 9.81
C ALA B 325 -25.29 18.77 9.61
N ALA B 326 -23.96 18.81 9.51
CA ALA B 326 -23.15 17.60 9.29
C ALA B 326 -23.29 16.58 10.41
N ALA B 327 -23.23 17.06 11.66
CA ALA B 327 -23.43 16.24 12.85
C ALA B 327 -24.75 15.46 12.78
N ASP B 328 -25.83 16.18 12.52
CA ASP B 328 -27.16 15.59 12.53
C ASP B 328 -27.41 14.68 11.34
N ILE B 329 -26.71 14.91 10.23
CA ILE B 329 -26.70 13.92 9.13
C ILE B 329 -25.98 12.65 9.56
N TYR B 330 -24.80 12.81 10.18
CA TYR B 330 -24.02 11.66 10.67
C TYR B 330 -24.83 10.92 11.73
N THR B 331 -25.43 11.68 12.66
CA THR B 331 -26.30 11.10 13.69
C THR B 331 -27.48 10.38 13.03
N ALA B 332 -28.15 11.05 12.10
CA ALA B 332 -29.32 10.45 11.41
C ALA B 332 -28.94 9.18 10.65
N VAL B 333 -27.87 9.28 9.86
CA VAL B 333 -27.33 8.12 9.12
C VAL B 333 -26.90 7.04 10.11
N ASP B 334 -26.14 7.43 11.15
CA ASP B 334 -25.66 6.49 12.16
C ASP B 334 -26.81 5.76 12.83
N LYS B 335 -27.85 6.51 13.20
CA LYS B 335 -29.04 5.93 13.84
C LYS B 335 -29.68 4.80 13.03
N VAL B 336 -29.87 5.04 11.73
CA VAL B 336 -30.48 4.04 10.82
C VAL B 336 -29.61 2.79 10.78
N LEU B 337 -28.33 2.99 10.52
CA LEU B 337 -27.34 1.93 10.45
C LEU B 337 -27.27 1.08 11.75
N THR B 338 -27.43 1.75 12.90
CA THR B 338 -27.36 1.06 14.20
C THR B 338 -28.66 0.30 14.50
N GLU B 339 -29.83 0.86 14.13
CA GLU B 339 -31.11 0.12 14.24
C GLU B 339 -31.05 -1.17 13.41
N GLY B 340 -30.45 -1.09 12.22
CA GLY B 340 -30.30 -2.24 11.33
C GLY B 340 -31.60 -2.77 10.74
N LYS B 341 -32.64 -1.93 10.70
CA LYS B 341 -33.96 -2.35 10.22
C LYS B 341 -34.13 -2.10 8.71
N VAL B 342 -33.58 -0.96 8.24
CA VAL B 342 -33.72 -0.54 6.84
C VAL B 342 -32.32 -0.47 6.22
N LEU B 343 -31.88 -1.58 5.64
CA LEU B 343 -30.54 -1.64 5.08
C LEU B 343 -30.60 -2.13 3.64
N THR B 344 -29.71 -1.58 2.82
CA THR B 344 -29.54 -1.98 1.43
CA THR B 344 -29.54 -1.98 1.44
C THR B 344 -28.80 -3.32 1.34
N PRO B 345 -28.89 -4.01 0.16
CA PRO B 345 -28.24 -5.33 -0.01
C PRO B 345 -26.75 -5.43 0.31
N ASP B 346 -25.98 -4.38 0.03
CA ASP B 346 -24.52 -4.38 0.30
C ASP B 346 -24.24 -4.45 1.82
N LEU B 347 -25.26 -4.14 2.62
CA LEU B 347 -25.20 -4.24 4.09
C LEU B 347 -25.89 -5.50 4.58
N GLY B 348 -26.27 -6.36 3.64
CA GLY B 348 -27.01 -7.60 3.93
C GLY B 348 -28.52 -7.43 4.17
N GLY B 349 -29.05 -6.26 3.80
CA GLY B 349 -30.47 -5.97 3.95
C GLY B 349 -31.33 -6.21 2.71
N LYS B 350 -32.56 -5.72 2.74
CA LYS B 350 -33.50 -5.93 1.63
C LYS B 350 -34.17 -4.63 1.16
N SER B 351 -33.71 -3.49 1.66
CA SER B 351 -34.31 -2.21 1.32
C SER B 351 -33.69 -1.56 0.08
N GLY B 352 -34.41 -0.62 -0.51
CA GLY B 352 -33.91 0.09 -1.67
C GLY B 352 -33.32 1.44 -1.31
N THR B 353 -32.76 2.10 -2.32
CA THR B 353 -32.15 3.41 -2.15
C THR B 353 -33.13 4.39 -1.51
N ASN B 354 -34.35 4.43 -2.04
CA ASN B 354 -35.34 5.41 -1.59
C ASN B 354 -35.81 5.17 -0.16
N GLU B 355 -35.91 3.90 0.22
CA GLU B 355 -36.38 3.54 1.55
C GLU B 355 -35.38 3.92 2.63
N ILE B 356 -34.10 3.64 2.39
CA ILE B 356 -33.07 4.09 3.32
C ILE B 356 -32.99 5.63 3.38
N THR B 357 -33.12 6.31 2.24
CA THR B 357 -33.28 7.79 2.23
C THR B 357 -34.45 8.23 3.12
N ASP B 358 -35.60 7.57 2.96
CA ASP B 358 -36.76 7.83 3.83
C ASP B 358 -36.40 7.69 5.33
N ALA B 359 -35.67 6.62 5.62
CA ALA B 359 -35.27 6.27 6.98
C ALA B 359 -34.39 7.34 7.60
N VAL B 360 -33.39 7.81 6.85
CA VAL B 360 -32.55 8.91 7.32
C VAL B 360 -33.38 10.20 7.48
N LEU B 361 -34.29 10.43 6.53
CA LEU B 361 -35.13 11.62 6.59
C LEU B 361 -36.02 11.61 7.83
N ALA B 362 -36.39 10.41 8.28
CA ALA B 362 -37.22 10.23 9.47
C ALA B 362 -36.53 10.74 10.73
N ASN B 363 -35.21 10.58 10.77
CA ASN B 363 -34.38 11.20 11.81
C ASN B 363 -33.90 12.56 11.34
N1 GGG C . 17.03 -7.89 6.78
CA1 GGG C . 16.25 -6.63 7.00
C1 GGG C . 17.14 -5.38 7.02
O1 GGG C . 18.36 -5.49 7.03
N2 GGG C . 16.52 -4.20 7.03
CA2 GGG C . 17.26 -2.93 7.06
C2 GGG C . 17.43 -2.29 5.70
O2 GGG C . 18.00 -1.19 5.59
N3 GGG C . 16.93 -2.95 4.66
CA3 GGG C . 17.05 -2.46 3.29
C3 GGG C . 15.73 -2.44 2.54
O3 GGG C . 15.68 -2.87 1.39
O GGG C . 14.70 -2.01 3.08
C1 GOL D . 12.19 -8.65 15.68
O1 GOL D . 11.65 -7.56 14.95
C2 GOL D . 11.26 -9.83 15.53
O2 GOL D . 10.29 -9.75 16.56
C3 GOL D . 12.04 -11.13 15.69
O3 GOL D . 12.41 -11.36 17.03
C1 GOL E . 35.58 -10.31 4.41
O1 GOL E . 35.60 -8.92 4.59
C2 GOL E . 35.80 -10.93 5.78
O2 GOL E . 34.60 -10.94 6.54
C3 GOL E . 36.49 -12.28 5.64
O3 GOL E . 35.58 -13.25 5.19
C1 GOL F . -7.81 -16.97 -8.16
O1 GOL F . -8.72 -16.60 -7.12
C2 GOL F . -6.53 -17.60 -7.59
O2 GOL F . -6.72 -18.90 -7.03
C3 GOL F . -5.45 -17.68 -8.66
O3 GOL F . -5.82 -18.68 -9.59
N1 GGG G . -16.49 8.29 -7.05
CA1 GGG G . -15.36 7.35 -7.34
C1 GGG G . -15.15 7.17 -8.84
O1 GGG G . -15.75 7.87 -9.66
N2 GGG G . -14.30 6.20 -9.19
CA2 GGG G . -13.93 5.96 -10.59
C2 GGG G . -12.67 6.72 -10.94
O2 GGG G . -11.83 6.25 -11.72
N3 GGG G . -12.54 7.91 -10.36
CA3 GGG G . -11.32 8.71 -10.45
C3 GGG G . -10.91 9.23 -9.09
O3 GGG G . -9.72 9.44 -8.83
O GGG G . -11.75 9.46 -8.20
C1 GOL H . -13.74 12.21 16.10
O1 GOL H . -12.69 11.29 16.31
C2 GOL H . -13.99 12.50 14.61
O2 GOL H . -14.56 11.39 13.92
C3 GOL H . -14.99 13.64 14.52
O3 GOL H . -14.87 14.25 13.25
#